data_3SPL
#
_entry.id   3SPL
#
_cell.length_a   220.956
_cell.length_b   220.956
_cell.length_c   135.154
_cell.angle_alpha   90.00
_cell.angle_beta   90.00
_cell.angle_gamma   120.00
#
_symmetry.space_group_name_H-M   'H 3 2'
#
loop_
_entity.id
_entity.type
_entity.pdbx_description
1 polymer 'Aprataxin-like protein'
2 polymer "DNA (5'-D(*TP*AP*TP*TP*CP*CP*GP*AP*TP*AP*GP*TP*GP*AP*C)-3')"
3 polymer "DNA (5'-D(*GP*TP*CP*AP*CP*TP*AP*TP*CP*GP*GP*AP*AP*TP*GP*AP*G)-3')"
4 non-polymer 'ZINC ION'
5 non-polymer 'ADENOSINE MONOPHOSPHATE'
6 non-polymer 'SULFATE ION'
7 water water
#
loop_
_entity_poly.entity_id
_entity_poly.type
_entity_poly.pdbx_seq_one_letter_code
_entity_poly.pdbx_strand_id
1 'polypeptide(L)'
;GSHMSFRDNLKVYIESPESYKNVIYYDDDVVLVRDMFPKSKMHLLLMTRDPHLTHVHPLEIMMKHRSLVEKLVSYVQGDL
SGLIFDEARNCLSQQLTNEALANYIKVGFHAGPSMNNLHLHIMTLDHVSPSLKNSAHYISFTSPFFVKIDTPTSNLPTRG
TLTSLFQEDLKCWRCGETFGRHFTKLKAHLQEEYDDWLDKSVSM
;
A,B,C,D
2 'polydeoxyribonucleotide' (DT)(DA)(DT)(DT)(DC)(DC)(DG)(DA)(DT)(DA)(DG)(DT)(DG)(DA)(DC) E,G
3 'polydeoxyribonucleotide' (DG)(DT)(DC)(DA)(DC)(DT)(DA)(DT)(DC)(DG)(DG)(DA)(DA)(DT)(DG)(DA)(DG) F,H
#
loop_
_chem_comp.id
_chem_comp.type
_chem_comp.name
_chem_comp.formula
AMP non-polymer 'ADENOSINE MONOPHOSPHATE' 'C10 H14 N5 O7 P'
DA DNA linking 2'-DEOXYADENOSINE-5'-MONOPHOSPHATE 'C10 H14 N5 O6 P'
DC DNA linking 2'-DEOXYCYTIDINE-5'-MONOPHOSPHATE 'C9 H14 N3 O7 P'
DG DNA linking 2'-DEOXYGUANOSINE-5'-MONOPHOSPHATE 'C10 H14 N5 O7 P'
DT DNA linking THYMIDINE-5'-MONOPHOSPHATE 'C10 H15 N2 O8 P'
SO4 non-polymer 'SULFATE ION' 'O4 S -2'
ZN non-polymer 'ZINC ION' 'Zn 2'
#
# COMPACT_ATOMS: atom_id res chain seq x y z
N SER A 5 15.06 12.45 36.37
CA SER A 5 14.32 12.22 35.13
C SER A 5 14.95 12.94 33.95
N PHE A 6 14.97 12.27 32.79
CA PHE A 6 15.48 12.89 31.57
C PHE A 6 14.66 14.13 31.22
N ARG A 7 13.41 14.15 31.69
CA ARG A 7 12.50 15.26 31.39
C ARG A 7 12.91 16.56 32.06
N ASP A 8 13.82 16.47 33.02
CA ASP A 8 14.30 17.65 33.73
C ASP A 8 15.68 18.10 33.24
N ASN A 9 16.12 17.55 32.12
CA ASN A 9 17.47 17.80 31.62
C ASN A 9 17.78 19.26 31.30
N LEU A 10 16.74 20.07 31.04
CA LEU A 10 16.95 21.47 30.66
C LEU A 10 17.06 22.40 31.85
N LYS A 11 16.72 21.90 33.04
CA LYS A 11 16.69 22.76 34.20
C LYS A 11 18.06 23.33 34.57
N VAL A 12 19.14 22.63 34.22
CA VAL A 12 20.47 23.11 34.57
C VAL A 12 20.77 24.44 33.90
N TYR A 13 20.14 24.72 32.76
CA TYR A 13 20.39 25.97 32.04
C TYR A 13 19.75 27.17 32.74
N ILE A 14 18.60 26.97 33.37
CA ILE A 14 17.97 28.10 34.05
C ILE A 14 18.46 28.22 35.49
N GLU A 15 18.96 27.13 36.06
CA GLU A 15 19.49 27.15 37.42
CA GLU A 15 19.48 27.19 37.42
C GLU A 15 20.93 27.67 37.44
N SER A 16 21.74 27.19 36.50
CA SER A 16 23.14 27.58 36.42
C SER A 16 23.62 27.90 35.01
N PRO A 17 23.10 28.99 34.41
CA PRO A 17 23.52 29.33 33.05
C PRO A 17 25.00 29.69 33.02
N GLU A 18 25.54 30.10 34.17
CA GLU A 18 26.93 30.49 34.26
C GLU A 18 27.90 29.35 33.94
N SER A 19 27.38 28.13 33.95
CA SER A 19 28.21 26.94 33.81
C SER A 19 28.29 26.40 32.38
N TYR A 20 27.52 26.98 31.46
CA TYR A 20 27.43 26.43 30.10
C TYR A 20 27.76 27.41 28.99
N LYS A 21 28.79 27.09 28.21
CA LYS A 21 29.21 27.95 27.12
C LYS A 21 28.14 28.06 26.03
N ASN A 22 27.27 27.05 25.93
CA ASN A 22 26.20 27.09 24.93
C ASN A 22 24.97 27.88 25.37
N VAL A 23 25.03 28.42 26.59
CA VAL A 23 24.10 29.44 26.99
C VAL A 23 24.61 30.77 26.43
N ILE A 24 23.98 31.23 25.35
CA ILE A 24 24.50 32.39 24.62
C ILE A 24 23.88 33.70 25.09
N TYR A 25 22.94 33.60 26.03
CA TYR A 25 22.44 34.77 26.75
C TYR A 25 21.81 34.32 28.07
N TYR A 26 22.02 35.10 29.12
CA TYR A 26 21.20 34.95 30.30
C TYR A 26 21.09 36.24 31.09
N ASP A 27 19.93 36.43 31.70
CA ASP A 27 19.73 37.46 32.71
C ASP A 27 18.87 36.89 33.82
N ASP A 28 18.30 37.73 34.67
CA ASP A 28 17.53 37.24 35.81
C ASP A 28 16.25 36.52 35.38
N ASP A 29 15.76 36.83 34.18
CA ASP A 29 14.45 36.36 33.72
C ASP A 29 14.48 35.20 32.72
N VAL A 30 15.47 35.18 31.83
CA VAL A 30 15.48 34.17 30.77
C VAL A 30 16.88 33.65 30.42
N VAL A 31 16.90 32.54 29.70
CA VAL A 31 18.13 31.97 29.19
C VAL A 31 17.93 31.55 27.74
N LEU A 32 18.88 31.92 26.88
CA LEU A 32 18.88 31.45 25.51
C LEU A 32 19.99 30.42 25.37
N VAL A 33 19.63 29.19 25.02
CA VAL A 33 20.62 28.12 24.95
C VAL A 33 20.53 27.38 23.62
N ARG A 34 21.69 26.97 23.09
CA ARG A 34 21.69 26.17 21.87
C ARG A 34 21.04 24.82 22.14
N ASP A 35 20.21 24.36 21.22
CA ASP A 35 19.64 23.02 21.34
C ASP A 35 20.75 21.99 21.12
N MET A 36 20.89 21.06 22.06
CA MET A 36 21.94 20.06 22.00
C MET A 36 21.76 19.09 20.83
N PHE A 37 20.53 18.98 20.34
CA PHE A 37 20.25 18.10 19.19
C PHE A 37 19.46 18.86 18.13
N PRO A 38 20.10 19.83 17.47
CA PRO A 38 19.42 20.79 16.59
C PRO A 38 18.67 20.08 15.47
N LYS A 39 17.42 20.46 15.25
CA LYS A 39 16.59 19.86 14.20
C LYS A 39 16.58 20.75 12.95
N SER A 40 17.33 21.84 13.02
CA SER A 40 17.62 22.68 11.86
C SER A 40 19.03 23.21 12.03
N LYS A 41 19.59 23.79 10.97
CA LYS A 41 20.95 24.32 11.03
C LYS A 41 21.17 25.24 12.25
N MET A 42 20.21 26.12 12.50
CA MET A 42 20.19 26.87 13.76
C MET A 42 18.99 26.43 14.58
N HIS A 43 19.21 26.14 15.85
CA HIS A 43 18.12 25.70 16.71
C HIS A 43 18.46 26.10 18.14
N LEU A 44 17.74 27.09 18.66
CA LEU A 44 17.99 27.63 19.99
C LEU A 44 16.74 27.46 20.85
N LEU A 45 16.92 27.49 22.17
CA LEU A 45 15.80 27.41 23.11
C LEU A 45 15.78 28.64 24.02
N LEU A 46 14.65 29.32 24.10
CA LEU A 46 14.51 30.45 25.01
C LEU A 46 13.66 30.04 26.21
N MET A 47 14.28 30.05 27.38
CA MET A 47 13.64 29.52 28.59
C MET A 47 13.40 30.59 29.66
N THR A 48 12.23 30.57 30.26
CA THR A 48 11.97 31.40 31.44
C THR A 48 12.69 30.81 32.63
N ARG A 49 13.23 31.67 33.49
CA ARG A 49 13.89 31.21 34.71
C ARG A 49 12.92 31.25 35.90
N ASP A 50 11.74 31.81 35.67
CA ASP A 50 10.72 31.90 36.71
C ASP A 50 10.35 30.50 37.23
N PRO A 51 10.56 30.24 38.52
CA PRO A 51 10.35 28.91 39.13
C PRO A 51 8.94 28.38 38.97
N HIS A 52 7.94 29.26 38.86
CA HIS A 52 6.59 28.80 38.63
C HIS A 52 6.32 28.56 37.15
N LEU A 53 6.55 29.59 36.35
CA LEU A 53 6.22 29.58 34.94
C LEU A 53 6.93 28.47 34.16
N THR A 54 8.13 28.10 34.60
CA THR A 54 8.87 27.05 33.91
C THR A 54 8.10 25.74 33.82
N HIS A 55 7.25 25.49 34.81
CA HIS A 55 6.49 24.24 34.87
C HIS A 55 5.05 24.39 34.40
N VAL A 56 4.70 25.56 33.90
CA VAL A 56 3.39 25.73 33.27
C VAL A 56 3.46 25.23 31.84
N HIS A 57 2.43 24.50 31.42
CA HIS A 57 2.37 23.91 30.09
C HIS A 57 2.29 25.02 29.03
N PRO A 58 2.98 24.84 27.89
CA PRO A 58 3.06 25.89 26.87
C PRO A 58 1.69 26.38 26.40
N LEU A 59 0.72 25.48 26.27
CA LEU A 59 -0.60 25.88 25.80
C LEU A 59 -1.27 26.78 26.82
N GLU A 60 -1.05 26.51 28.10
CA GLU A 60 -1.53 27.35 29.19
C GLU A 60 -0.81 28.69 29.18
N ILE A 61 0.49 28.66 28.90
CA ILE A 61 1.24 29.90 28.76
C ILE A 61 0.63 30.79 27.67
N MET A 62 0.45 30.22 26.48
CA MET A 62 -0.15 30.93 25.36
C MET A 62 -1.55 31.46 25.68
N MET A 63 -2.30 30.69 26.46
CA MET A 63 -3.70 31.02 26.75
C MET A 63 -3.87 32.09 27.81
N LYS A 64 -3.09 31.99 28.89
CA LYS A 64 -3.35 32.81 30.07
C LYS A 64 -2.14 33.55 30.61
N HIS A 65 -1.02 33.51 29.90
CA HIS A 65 0.15 34.22 30.36
C HIS A 65 0.69 35.13 29.27
N ARG A 66 -0.16 36.06 28.83
CA ARG A 66 0.16 36.91 27.68
C ARG A 66 1.31 37.88 27.98
N SER A 67 1.49 38.21 29.26
CA SER A 67 2.61 39.07 29.64
C SER A 67 3.93 38.35 29.35
N LEU A 68 4.01 37.08 29.74
CA LEU A 68 5.22 36.30 29.46
C LEU A 68 5.45 36.14 27.96
N VAL A 69 4.38 35.84 27.23
CA VAL A 69 4.47 35.70 25.78
C VAL A 69 5.05 36.98 25.17
N GLU A 70 4.46 38.11 25.55
CA GLU A 70 4.93 39.40 25.04
C GLU A 70 6.38 39.65 25.41
N LYS A 71 6.76 39.29 26.63
CA LYS A 71 8.14 39.44 27.08
C LYS A 71 9.13 38.59 26.28
N LEU A 72 8.75 37.35 25.98
CA LEU A 72 9.60 36.49 25.17
C LEU A 72 9.74 37.02 23.74
N VAL A 73 8.63 37.46 23.16
CA VAL A 73 8.64 38.02 21.82
C VAL A 73 9.52 39.27 21.79
N SER A 74 9.46 40.05 22.86
CA SER A 74 10.26 41.26 22.97
C SER A 74 11.76 40.95 23.00
N TYR A 75 12.15 39.90 23.72
CA TYR A 75 13.55 39.46 23.72
C TYR A 75 14.00 39.10 22.31
N VAL A 76 13.21 38.26 21.64
CA VAL A 76 13.54 37.74 20.31
C VAL A 76 13.68 38.86 19.27
N GLN A 77 12.75 39.80 19.27
CA GLN A 77 12.75 40.87 18.28
C GLN A 77 13.60 42.07 18.71
N GLY A 78 14.06 42.07 19.95
CA GLY A 78 14.80 43.20 20.49
C GLY A 78 16.22 42.85 20.91
N ASP A 79 16.43 42.73 22.22
CA ASP A 79 17.78 42.58 22.75
C ASP A 79 18.54 41.33 22.29
N LEU A 80 17.81 40.29 21.88
CA LEU A 80 18.45 39.07 21.39
C LEU A 80 18.52 38.99 19.86
N SER A 81 17.94 39.97 19.17
CA SER A 81 17.82 39.90 17.71
C SER A 81 19.18 39.83 16.98
N GLY A 82 20.08 40.76 17.32
CA GLY A 82 21.42 40.73 16.74
C GLY A 82 22.11 39.40 17.01
N LEU A 83 22.03 38.93 18.25
CA LEU A 83 22.65 37.66 18.63
C LEU A 83 22.11 36.49 17.81
N ILE A 84 20.79 36.46 17.62
CA ILE A 84 20.18 35.36 16.87
C ILE A 84 20.58 35.41 15.39
N PHE A 85 20.65 36.61 14.83
CA PHE A 85 21.05 36.78 13.43
C PHE A 85 22.51 36.32 13.22
N ASP A 86 23.36 36.54 14.21
CA ASP A 86 24.74 36.10 14.07
C ASP A 86 24.82 34.58 14.14
N GLU A 87 24.10 33.99 15.10
CA GLU A 87 24.02 32.56 15.19
C GLU A 87 23.54 31.99 13.86
N ALA A 88 22.48 32.58 13.29
CA ALA A 88 21.98 32.12 12.01
C ALA A 88 23.02 32.23 10.89
N ARG A 89 23.69 33.37 10.80
CA ARG A 89 24.73 33.56 9.80
C ARG A 89 25.84 32.53 9.96
N ASN A 90 26.22 32.23 11.20
CA ASN A 90 27.24 31.22 11.47
C ASN A 90 26.80 29.80 11.12
N CYS A 91 25.51 29.51 11.30
CA CYS A 91 25.00 28.17 11.07
C CYS A 91 24.64 27.95 9.61
N LEU A 92 24.27 29.01 8.92
CA LEU A 92 23.90 28.94 7.52
C LEU A 92 24.98 29.57 6.63
N SER A 93 24.88 30.89 6.44
CA SER A 93 25.88 31.60 5.64
C SER A 93 26.01 33.08 6.04
N GLN A 94 27.25 33.56 6.08
CA GLN A 94 27.53 34.97 6.36
C GLN A 94 26.88 35.90 5.32
N GLN A 95 26.60 35.34 4.15
CA GLN A 95 26.08 36.15 3.04
C GLN A 95 24.58 36.43 3.15
N LEU A 96 23.95 35.95 4.20
CA LEU A 96 22.50 36.15 4.37
C LEU A 96 22.21 37.39 5.20
N THR A 97 21.34 38.26 4.69
CA THR A 97 20.97 39.49 5.37
C THR A 97 19.95 39.21 6.47
N ASN A 98 19.78 40.18 7.37
CA ASN A 98 18.77 40.07 8.42
C ASN A 98 17.38 39.85 7.83
N GLU A 99 17.12 40.55 6.73
CA GLU A 99 15.83 40.44 6.04
C GLU A 99 15.56 39.00 5.62
N ALA A 100 16.48 38.42 4.86
CA ALA A 100 16.35 37.05 4.39
C ALA A 100 16.23 36.06 5.55
N LEU A 101 17.02 36.25 6.59
CA LEU A 101 17.02 35.37 7.74
C LEU A 101 15.71 35.42 8.52
N ALA A 102 15.14 36.62 8.65
CA ALA A 102 13.92 36.79 9.42
C ALA A 102 12.78 35.97 8.81
N ASN A 103 12.76 35.88 7.48
CA ASN A 103 11.78 35.07 6.77
C ASN A 103 12.14 33.58 6.70
N TYR A 104 13.24 33.20 7.34
CA TYR A 104 13.68 31.82 7.32
C TYR A 104 13.82 31.31 8.75
N ILE A 105 13.16 31.99 9.68
CA ILE A 105 13.21 31.63 11.08
C ILE A 105 11.80 31.46 11.64
N LYS A 106 11.60 30.42 12.44
CA LYS A 106 10.31 30.23 13.09
C LYS A 106 10.49 30.10 14.59
N VAL A 107 9.46 30.53 15.33
CA VAL A 107 9.50 30.61 16.77
C VAL A 107 8.21 30.05 17.33
N GLY A 108 8.31 29.05 18.21
CA GLY A 108 7.11 28.45 18.75
C GLY A 108 7.35 27.40 19.80
N PHE A 109 6.25 26.94 20.41
CA PHE A 109 6.28 25.86 21.40
C PHE A 109 5.82 24.54 20.77
N HIS A 110 6.34 23.42 21.27
CA HIS A 110 5.72 22.14 20.99
C HIS A 110 4.44 22.03 21.81
N ALA A 111 3.36 21.56 21.19
CA ALA A 111 2.09 21.39 21.89
C ALA A 111 2.17 20.31 22.98
N GLY A 112 3.12 19.38 22.83
CA GLY A 112 3.33 18.36 23.83
C GLY A 112 4.75 18.05 24.26
N PRO A 113 5.42 19.04 24.89
CA PRO A 113 6.85 18.94 25.17
C PRO A 113 7.29 17.66 25.86
N SER A 114 8.52 17.22 25.60
CA SER A 114 9.10 16.10 26.35
C SER A 114 9.81 16.62 27.59
N MET A 115 10.50 17.75 27.44
CA MET A 115 11.20 18.36 28.57
C MET A 115 10.24 19.23 29.38
N ASN A 116 10.34 19.15 30.70
CA ASN A 116 9.38 19.81 31.59
C ASN A 116 9.58 21.31 31.79
N ASN A 117 10.78 21.81 31.54
CA ASN A 117 11.04 23.23 31.70
C ASN A 117 10.69 24.01 30.43
N LEU A 118 9.70 24.90 30.55
CA LEU A 118 9.21 25.70 29.43
C LEU A 118 10.33 26.23 28.56
N HIS A 119 10.27 25.93 27.26
CA HIS A 119 11.30 26.36 26.33
C HIS A 119 10.70 26.70 24.98
N LEU A 120 11.00 27.91 24.51
CA LEU A 120 10.54 28.37 23.22
C LEU A 120 11.57 28.03 22.15
N HIS A 121 11.17 27.30 21.16
CA HIS A 121 12.03 27.00 20.04
C HIS A 121 12.24 28.21 19.10
N ILE A 122 13.49 28.50 18.75
CA ILE A 122 13.84 29.49 17.75
C ILE A 122 14.79 28.82 16.78
N MET A 123 14.38 28.67 15.54
CA MET A 123 15.12 27.82 14.62
C MET A 123 14.91 28.22 13.16
N THR A 124 15.84 27.83 12.30
CA THR A 124 15.69 28.10 10.88
C THR A 124 14.76 27.07 10.25
N LEU A 125 14.29 27.32 9.03
CA LEU A 125 13.25 26.49 8.41
C LEU A 125 13.78 25.23 7.71
N ASP A 126 15.08 25.17 7.49
CA ASP A 126 15.68 24.14 6.62
C ASP A 126 15.40 22.71 7.05
N HIS A 127 15.45 22.46 8.35
CA HIS A 127 15.44 21.10 8.86
C HIS A 127 16.52 20.22 8.23
N VAL A 128 17.66 20.83 7.95
CA VAL A 128 18.85 20.09 7.52
C VAL A 128 19.80 19.95 8.71
N SER A 129 19.84 18.75 9.28
CA SER A 129 20.65 18.51 10.47
C SER A 129 20.84 17.02 10.75
N PRO A 130 22.07 16.62 11.12
CA PRO A 130 22.32 15.23 11.51
C PRO A 130 21.39 14.75 12.63
N SER A 131 20.95 15.68 13.49
CA SER A 131 20.10 15.31 14.62
C SER A 131 18.64 15.09 14.24
N LEU A 132 18.27 15.47 13.02
CA LEU A 132 16.92 15.16 12.52
C LEU A 132 16.94 13.71 12.04
N LYS A 133 16.47 12.80 12.87
CA LYS A 133 16.70 11.38 12.63
C LYS A 133 15.46 10.55 12.35
N ASN A 134 14.28 11.15 12.50
CA ASN A 134 13.05 10.38 12.29
C ASN A 134 11.85 11.26 11.96
N SER A 135 10.81 10.64 11.40
CA SER A 135 9.62 11.35 10.96
C SER A 135 8.99 12.20 12.05
N ALA A 136 8.94 11.69 13.27
CA ALA A 136 8.31 12.41 14.37
C ALA A 136 9.02 13.74 14.62
N HIS A 137 10.34 13.73 14.56
CA HIS A 137 11.11 14.97 14.67
C HIS A 137 10.58 16.01 13.69
N TYR A 138 10.59 15.66 12.42
CA TYR A 138 10.20 16.56 11.34
C TYR A 138 8.77 17.07 11.49
N ILE A 139 7.84 16.15 11.70
CA ILE A 139 6.44 16.50 11.82
C ILE A 139 6.16 17.43 13.01
N SER A 140 6.88 17.21 14.11
CA SER A 140 6.66 18.00 15.33
C SER A 140 6.96 19.48 15.13
N PHE A 141 7.78 19.80 14.13
CA PHE A 141 8.17 21.19 13.88
C PHE A 141 7.48 21.82 12.67
N THR A 142 6.75 21.01 11.91
CA THR A 142 6.16 21.48 10.66
C THR A 142 4.65 21.24 10.58
N SER A 143 4.02 20.98 11.71
CA SER A 143 2.58 20.73 11.76
C SER A 143 1.97 21.58 12.86
N PRO A 144 0.64 21.50 13.05
CA PRO A 144 0.02 22.27 14.13
C PRO A 144 0.60 21.93 15.49
N PHE A 145 1.36 20.84 15.58
CA PHE A 145 2.03 20.48 16.82
C PHE A 145 3.05 21.55 17.23
N PHE A 146 3.62 22.22 16.24
CA PHE A 146 4.49 23.37 16.50
C PHE A 146 3.58 24.59 16.61
N VAL A 147 3.47 25.12 17.82
CA VAL A 147 2.55 26.23 18.06
C VAL A 147 3.33 27.54 17.99
N LYS A 148 3.24 28.21 16.85
CA LYS A 148 3.97 29.47 16.64
C LYS A 148 3.59 30.50 17.69
N ILE A 149 4.56 31.31 18.09
CA ILE A 149 4.37 32.24 19.22
C ILE A 149 3.31 33.31 18.95
N ASP A 150 2.99 33.53 17.68
CA ASP A 150 1.97 34.51 17.32
C ASP A 150 0.63 33.87 16.93
N THR A 151 0.41 32.64 17.34
CA THR A 151 -0.88 32.00 17.11
C THR A 151 -1.94 32.68 17.97
N PRO A 152 -3.03 33.15 17.34
CA PRO A 152 -4.12 33.70 18.16
C PRO A 152 -4.63 32.64 19.12
N THR A 153 -4.98 33.05 20.34
CA THR A 153 -5.42 32.12 21.37
C THR A 153 -6.58 31.22 20.90
N SER A 154 -7.54 31.81 20.21
CA SER A 154 -8.70 31.08 19.74
C SER A 154 -8.34 29.98 18.73
N ASN A 155 -7.11 30.00 18.24
CA ASN A 155 -6.66 29.01 17.26
C ASN A 155 -5.64 28.02 17.81
N LEU A 156 -5.46 28.00 19.11
CA LEU A 156 -4.56 27.04 19.75
C LEU A 156 -5.15 25.64 19.67
N PRO A 157 -4.31 24.62 19.48
CA PRO A 157 -4.80 23.24 19.54
C PRO A 157 -5.09 22.88 20.98
N THR A 158 -5.96 21.90 21.20
CA THR A 158 -6.25 21.47 22.56
C THR A 158 -5.16 20.53 23.07
N ARG A 159 -4.81 20.66 24.35
CA ARG A 159 -3.80 19.80 24.95
C ARG A 159 -4.14 18.32 24.74
N GLY A 160 -3.15 17.56 24.28
CA GLY A 160 -3.26 16.11 24.18
C GLY A 160 -4.02 15.53 23.00
N THR A 161 -4.35 16.35 22.00
CA THR A 161 -5.21 15.90 20.90
C THR A 161 -4.50 15.63 19.58
N LEU A 162 -3.20 15.89 19.53
CA LEU A 162 -2.47 15.86 18.26
C LEU A 162 -1.74 14.55 17.96
N THR A 163 -1.96 13.53 18.79
CA THR A 163 -1.26 12.25 18.64
C THR A 163 -1.25 11.72 17.21
N SER A 164 -2.36 11.89 16.51
CA SER A 164 -2.54 11.25 15.21
C SER A 164 -1.67 11.85 14.09
N LEU A 165 -1.22 13.09 14.28
CA LEU A 165 -0.41 13.77 13.27
C LEU A 165 0.84 13.00 12.90
N PHE A 166 1.40 12.30 13.87
CA PHE A 166 2.70 11.68 13.69
C PHE A 166 2.68 10.43 12.80
N GLN A 167 1.48 9.99 12.44
CA GLN A 167 1.32 8.80 11.61
C GLN A 167 1.08 9.17 10.15
N GLU A 168 0.93 10.46 9.89
CA GLU A 168 0.64 10.93 8.54
C GLU A 168 1.86 10.88 7.61
N ASP A 169 1.60 10.92 6.32
CA ASP A 169 2.66 10.93 5.32
C ASP A 169 3.50 12.20 5.42
N LEU A 170 4.76 12.09 5.01
CA LEU A 170 5.69 13.20 5.08
C LEU A 170 5.51 14.15 3.90
N LYS A 171 5.55 15.44 4.18
CA LYS A 171 5.39 16.46 3.16
C LYS A 171 6.44 17.55 3.33
N CYS A 172 7.07 17.95 2.23
CA CYS A 172 8.06 19.04 2.27
C CYS A 172 7.39 20.35 2.64
N TRP A 173 7.91 21.02 3.67
CA TRP A 173 7.35 22.30 4.11
C TRP A 173 7.48 23.38 3.05
N ARG A 174 8.46 23.26 2.17
CA ARG A 174 8.74 24.34 1.22
C ARG A 174 7.98 24.23 -0.10
N CYS A 175 7.91 23.04 -0.69
CA CYS A 175 7.32 22.88 -2.01
C CYS A 175 6.08 21.99 -2.04
N GLY A 176 5.83 21.26 -0.95
CA GLY A 176 4.62 20.47 -0.83
C GLY A 176 4.74 19.02 -1.31
N GLU A 177 5.85 18.68 -1.95
CA GLU A 177 6.05 17.31 -2.41
C GLU A 177 5.89 16.32 -1.26
N THR A 178 5.30 15.17 -1.53
CA THR A 178 5.09 14.16 -0.50
C THR A 178 6.04 12.98 -0.64
N PHE A 179 6.29 12.29 0.47
CA PHE A 179 7.31 11.24 0.49
C PHE A 179 6.85 10.00 1.25
N GLY A 180 5.53 9.86 1.41
CA GLY A 180 4.99 8.77 2.18
C GLY A 180 5.62 8.75 3.55
N ARG A 181 6.15 7.60 3.94
CA ARG A 181 6.87 7.48 5.20
C ARG A 181 8.36 7.29 4.95
N HIS A 182 8.80 7.67 3.75
CA HIS A 182 10.21 7.56 3.38
C HIS A 182 11.03 8.73 3.91
N PHE A 183 11.34 8.67 5.20
CA PHE A 183 12.08 9.74 5.87
C PHE A 183 13.42 10.03 5.24
N THR A 184 14.13 8.97 4.84
CA THR A 184 15.45 9.12 4.24
C THR A 184 15.38 9.93 2.95
N LYS A 185 14.33 9.71 2.16
CA LYS A 185 14.16 10.46 0.92
C LYS A 185 13.77 11.91 1.20
N LEU A 186 12.94 12.12 2.23
CA LEU A 186 12.62 13.48 2.65
C LEU A 186 13.92 14.18 3.02
N LYS A 187 14.76 13.50 3.78
CA LYS A 187 16.02 14.09 4.23
C LYS A 187 16.87 14.60 3.08
N ALA A 188 17.04 13.77 2.05
CA ALA A 188 17.85 14.15 0.91
C ALA A 188 17.21 15.34 0.21
N HIS A 189 15.89 15.33 0.15
CA HIS A 189 15.16 16.42 -0.49
C HIS A 189 15.30 17.74 0.27
N LEU A 190 15.32 17.67 1.60
CA LEU A 190 15.48 18.86 2.43
C LEU A 190 16.84 19.52 2.15
N GLN A 191 17.86 18.71 1.93
CA GLN A 191 19.19 19.22 1.63
C GLN A 191 19.14 20.01 0.33
N GLU A 192 18.51 19.44 -0.69
CA GLU A 192 18.38 20.10 -1.98
C GLU A 192 17.62 21.41 -1.84
N GLU A 193 16.54 21.37 -1.06
CA GLU A 193 15.72 22.56 -0.85
C GLU A 193 16.53 23.66 -0.20
N TYR A 194 17.40 23.29 0.72
CA TYR A 194 18.24 24.28 1.37
C TYR A 194 19.22 24.87 0.36
N ASP A 195 19.93 24.01 -0.34
CA ASP A 195 20.86 24.46 -1.38
C ASP A 195 20.16 25.44 -2.32
N ASP A 196 18.95 25.10 -2.73
CA ASP A 196 18.16 25.95 -3.60
C ASP A 196 17.86 27.30 -2.97
N TRP A 197 17.38 27.26 -1.73
CA TRP A 197 17.04 28.49 -1.02
C TRP A 197 18.26 29.38 -0.83
N LEU A 198 19.38 28.76 -0.48
CA LEU A 198 20.61 29.49 -0.25
C LEU A 198 21.05 30.22 -1.51
N ASP A 199 21.14 29.47 -2.61
CA ASP A 199 21.54 30.01 -3.89
C ASP A 199 20.66 31.21 -4.29
N LYS A 200 19.37 31.08 -4.08
CA LYS A 200 18.41 32.12 -4.45
C LYS A 200 18.49 33.34 -3.53
N SER A 201 18.83 33.10 -2.27
CA SER A 201 18.85 34.15 -1.27
C SER A 201 20.04 35.08 -1.40
N VAL A 202 21.25 34.50 -1.44
CA VAL A 202 22.45 35.32 -1.64
C VAL A 202 22.36 36.07 -2.96
N SER A 203 21.84 35.40 -3.99
CA SER A 203 21.78 35.95 -5.34
C SER A 203 20.75 37.06 -5.51
N MET A 204 19.96 37.32 -4.47
CA MET A 204 18.96 38.38 -4.52
C MET A 204 19.59 39.70 -4.97
N SER B 5 14.61 -16.95 -12.84
CA SER B 5 13.92 -16.69 -11.57
C SER B 5 14.61 -17.39 -10.41
N PHE B 6 14.65 -16.74 -9.27
CA PHE B 6 15.22 -17.34 -8.07
C PHE B 6 14.44 -18.59 -7.67
N ARG B 7 13.20 -18.68 -8.14
CA ARG B 7 12.33 -19.79 -7.80
C ARG B 7 12.73 -21.08 -8.50
N ASP B 8 13.59 -20.97 -9.51
CA ASP B 8 14.09 -22.15 -10.22
C ASP B 8 15.49 -22.55 -9.76
N ASN B 9 15.96 -21.96 -8.68
CA ASN B 9 17.32 -22.18 -8.22
C ASN B 9 17.69 -23.64 -7.91
N LEU B 10 16.70 -24.45 -7.55
CA LEU B 10 16.98 -25.85 -7.20
C LEU B 10 17.04 -26.78 -8.42
N LYS B 11 16.61 -26.29 -9.57
CA LYS B 11 16.55 -27.16 -10.74
C LYS B 11 17.92 -27.69 -11.15
N VAL B 12 18.99 -26.94 -10.84
CA VAL B 12 20.33 -27.36 -11.22
C VAL B 12 20.69 -28.71 -10.59
N TYR B 13 20.12 -29.00 -9.42
CA TYR B 13 20.46 -30.25 -8.73
C TYR B 13 19.87 -31.48 -9.40
N ILE B 14 18.68 -31.33 -9.99
CA ILE B 14 18.08 -32.46 -10.68
C ILE B 14 18.52 -32.54 -12.14
N GLU B 15 18.91 -31.40 -12.71
CA GLU B 15 19.44 -31.39 -14.08
C GLU B 15 20.86 -31.94 -14.11
N SER B 16 21.72 -31.44 -13.21
CA SER B 16 23.13 -31.81 -13.21
C SER B 16 23.66 -32.13 -11.81
N PRO B 17 23.15 -33.20 -11.18
CA PRO B 17 23.63 -33.58 -9.85
C PRO B 17 25.12 -33.85 -9.85
N GLU B 18 25.65 -34.24 -11.01
CA GLU B 18 27.05 -34.60 -11.15
C GLU B 18 27.99 -33.42 -10.89
N SER B 19 27.45 -32.21 -10.93
CA SER B 19 28.26 -31.01 -10.81
C SER B 19 28.36 -30.47 -9.38
N TYR B 20 27.66 -31.08 -8.43
CA TYR B 20 27.58 -30.53 -7.08
C TYR B 20 27.96 -31.50 -5.96
N LYS B 21 29.02 -31.16 -5.23
CA LYS B 21 29.50 -32.01 -4.15
C LYS B 21 28.47 -32.15 -3.03
N ASN B 22 27.60 -31.15 -2.90
CA ASN B 22 26.56 -31.20 -1.86
C ASN B 22 25.35 -32.04 -2.26
N VAL B 23 25.41 -32.59 -3.47
CA VAL B 23 24.47 -33.64 -3.84
C VAL B 23 25.03 -34.96 -3.30
N ILE B 24 24.48 -35.41 -2.18
CA ILE B 24 25.03 -36.57 -1.48
C ILE B 24 24.41 -37.89 -1.94
N TYR B 25 23.46 -37.81 -2.84
CA TYR B 25 22.97 -38.98 -3.55
C TYR B 25 22.26 -38.57 -4.82
N TYR B 26 22.48 -39.32 -5.90
CA TYR B 26 21.62 -39.19 -7.05
C TYR B 26 21.49 -40.51 -7.80
N ASP B 27 20.32 -40.71 -8.39
CA ASP B 27 20.11 -41.76 -9.37
C ASP B 27 19.17 -41.20 -10.45
N ASP B 28 18.63 -42.06 -11.30
CA ASP B 28 17.80 -41.59 -12.40
C ASP B 28 16.51 -40.92 -11.91
N ASP B 29 16.09 -41.26 -10.70
CA ASP B 29 14.78 -40.85 -10.18
C ASP B 29 14.80 -39.68 -9.18
N VAL B 30 15.82 -39.63 -8.32
CA VAL B 30 15.85 -38.64 -7.25
C VAL B 30 17.24 -38.08 -6.98
N VAL B 31 17.27 -36.97 -6.25
CA VAL B 31 18.50 -36.35 -5.80
C VAL B 31 18.35 -35.95 -4.35
N LEU B 32 19.34 -36.28 -3.54
CA LEU B 32 19.38 -35.81 -2.17
C LEU B 32 20.47 -34.76 -2.05
N VAL B 33 20.09 -33.54 -1.68
CA VAL B 33 21.05 -32.44 -1.64
C VAL B 33 20.99 -31.68 -0.30
N ARG B 34 22.13 -31.22 0.17
CA ARG B 34 22.16 -30.40 1.38
C ARG B 34 21.47 -29.06 1.14
N ASP B 35 20.62 -28.64 2.08
CA ASP B 35 20.01 -27.33 1.98
C ASP B 35 21.09 -26.26 2.17
N MET B 36 21.15 -25.30 1.25
CA MET B 36 22.19 -24.27 1.26
C MET B 36 22.03 -23.31 2.44
N PHE B 37 20.84 -23.26 3.00
CA PHE B 37 20.57 -22.38 4.14
C PHE B 37 19.84 -23.18 5.22
N PRO B 38 20.55 -24.14 5.84
CA PRO B 38 19.92 -25.12 6.74
C PRO B 38 19.20 -24.43 7.90
N LYS B 39 17.95 -24.84 8.15
CA LYS B 39 17.18 -24.25 9.23
C LYS B 39 17.23 -25.11 10.49
N SER B 40 17.98 -26.21 10.41
CA SER B 40 18.33 -27.02 11.57
C SER B 40 19.76 -27.52 11.35
N LYS B 41 20.36 -28.10 12.38
CA LYS B 41 21.73 -28.60 12.27
C LYS B 41 21.94 -29.50 11.05
N MET B 42 21.01 -30.43 10.82
CA MET B 42 20.97 -31.16 9.55
C MET B 42 19.73 -30.74 8.77
N HIS B 43 19.89 -30.44 7.50
CA HIS B 43 18.76 -30.05 6.67
C HIS B 43 19.07 -30.45 5.23
N LEU B 44 18.32 -31.43 4.72
CA LEU B 44 18.53 -31.97 3.40
C LEU B 44 17.25 -31.84 2.58
N LEU B 45 17.39 -31.90 1.26
CA LEU B 45 16.25 -31.85 0.36
C LEU B 45 16.25 -33.07 -0.54
N LEU B 46 15.14 -33.80 -0.58
CA LEU B 46 15.00 -34.93 -1.48
C LEU B 46 14.09 -34.54 -2.62
N MET B 47 14.65 -34.53 -3.84
CA MET B 47 13.95 -34.01 -5.01
C MET B 47 13.70 -35.07 -6.07
N THR B 48 12.50 -35.09 -6.64
CA THR B 48 12.24 -35.94 -7.80
C THR B 48 12.92 -35.33 -9.02
N ARG B 49 13.41 -36.18 -9.91
CA ARG B 49 14.01 -35.70 -11.14
C ARG B 49 13.01 -35.77 -12.29
N ASP B 50 11.82 -36.33 -12.01
CA ASP B 50 10.79 -36.46 -13.03
C ASP B 50 10.36 -35.08 -13.54
N PRO B 51 10.52 -34.84 -14.86
CA PRO B 51 10.28 -33.52 -15.46
C PRO B 51 8.86 -33.00 -15.23
N HIS B 52 7.90 -33.90 -15.11
CA HIS B 52 6.52 -33.47 -14.84
C HIS B 52 6.29 -33.26 -13.35
N LEU B 53 6.58 -34.29 -12.57
CA LEU B 53 6.31 -34.28 -11.14
C LEU B 53 7.01 -33.16 -10.38
N THR B 54 8.16 -32.73 -10.88
CA THR B 54 8.92 -31.67 -10.19
C THR B 54 8.14 -30.37 -10.07
N HIS B 55 7.24 -30.14 -11.00
CA HIS B 55 6.44 -28.92 -11.02
C HIS B 55 5.02 -29.11 -10.51
N VAL B 56 4.73 -30.29 -9.99
CA VAL B 56 3.45 -30.52 -9.31
C VAL B 56 3.54 -29.99 -7.88
N HIS B 57 2.49 -29.32 -7.43
CA HIS B 57 2.47 -28.73 -6.10
C HIS B 57 2.47 -29.83 -5.03
N PRO B 58 3.22 -29.63 -3.93
CA PRO B 58 3.37 -30.69 -2.93
C PRO B 58 2.04 -31.20 -2.38
N LEU B 59 1.06 -30.32 -2.24
CA LEU B 59 -0.24 -30.76 -1.73
C LEU B 59 -0.94 -31.67 -2.73
N GLU B 60 -0.77 -31.39 -4.01
CA GLU B 60 -1.28 -32.26 -5.08
C GLU B 60 -0.54 -33.59 -5.08
N ILE B 61 0.78 -33.53 -4.87
CA ILE B 61 1.57 -34.75 -4.73
C ILE B 61 1.00 -35.63 -3.62
N MET B 62 0.88 -35.07 -2.43
CA MET B 62 0.34 -35.78 -1.27
C MET B 62 -1.05 -36.35 -1.55
N MET B 63 -1.86 -35.60 -2.27
CA MET B 63 -3.25 -35.98 -2.51
C MET B 63 -3.41 -37.07 -3.56
N LYS B 64 -2.68 -36.92 -4.68
CA LYS B 64 -2.98 -37.73 -5.87
C LYS B 64 -1.77 -38.44 -6.46
N HIS B 65 -0.63 -38.40 -5.78
CA HIS B 65 0.55 -39.10 -6.27
C HIS B 65 1.14 -39.97 -5.19
N ARG B 66 0.32 -40.91 -4.71
CA ARG B 66 0.70 -41.77 -3.59
C ARG B 66 1.88 -42.68 -3.93
N SER B 67 2.03 -43.03 -5.21
CA SER B 67 3.18 -43.83 -5.64
C SER B 67 4.47 -43.07 -5.41
N LEU B 68 4.50 -41.79 -5.80
CA LEU B 68 5.70 -40.99 -5.59
C LEU B 68 5.97 -40.80 -4.09
N VAL B 69 4.93 -40.56 -3.33
CA VAL B 69 5.08 -40.42 -1.88
C VAL B 69 5.71 -41.69 -1.30
N GLU B 70 5.15 -42.85 -1.67
CA GLU B 70 5.66 -44.12 -1.17
C GLU B 70 7.11 -44.35 -1.59
N LYS B 71 7.44 -43.94 -2.82
CA LYS B 71 8.80 -44.08 -3.31
C LYS B 71 9.79 -43.21 -2.55
N LEU B 72 9.40 -41.99 -2.21
CA LEU B 72 10.26 -41.10 -1.44
C LEU B 72 10.48 -41.64 -0.02
N VAL B 73 9.40 -42.11 0.60
CA VAL B 73 9.48 -42.66 1.95
C VAL B 73 10.40 -43.88 1.93
N SER B 74 10.29 -44.67 0.86
CA SER B 74 11.13 -45.86 0.72
C SER B 74 12.61 -45.49 0.62
N TYR B 75 12.91 -44.41 -0.10
CA TYR B 75 14.30 -43.93 -0.17
C TYR B 75 14.80 -43.56 1.22
N VAL B 76 14.00 -42.77 1.93
CA VAL B 76 14.38 -42.22 3.23
C VAL B 76 14.61 -43.32 4.27
N GLN B 77 13.70 -44.29 4.32
CA GLN B 77 13.75 -45.35 5.31
C GLN B 77 14.62 -46.53 4.87
N GLY B 78 15.07 -46.51 3.61
CA GLY B 78 15.84 -47.61 3.05
C GLY B 78 17.24 -47.23 2.57
N ASP B 79 17.40 -47.14 1.26
CA ASP B 79 18.73 -46.95 0.66
C ASP B 79 19.44 -45.67 1.10
N LEU B 80 18.69 -44.68 1.56
CA LEU B 80 19.31 -43.43 2.02
C LEU B 80 19.43 -43.34 3.54
N SER B 81 18.92 -44.34 4.26
CA SER B 81 18.84 -44.27 5.72
C SER B 81 20.20 -44.16 6.40
N GLY B 82 21.12 -45.05 6.06
CA GLY B 82 22.48 -44.97 6.59
C GLY B 82 23.13 -43.64 6.27
N LEU B 83 22.97 -43.18 5.04
CA LEU B 83 23.55 -41.91 4.61
C LEU B 83 23.00 -40.75 5.46
N ILE B 84 21.70 -40.74 5.67
CA ILE B 84 21.08 -39.68 6.45
C ILE B 84 21.56 -39.71 7.90
N PHE B 85 21.67 -40.90 8.49
CA PHE B 85 22.14 -41.02 9.86
C PHE B 85 23.59 -40.54 10.02
N ASP B 86 24.41 -40.75 9.00
CA ASP B 86 25.78 -40.28 9.07
C ASP B 86 25.82 -38.76 8.97
N GLU B 87 25.02 -38.20 8.07
CA GLU B 87 24.88 -36.76 7.97
C GLU B 87 24.44 -36.19 9.32
N ALA B 88 23.44 -36.81 9.94
CA ALA B 88 22.97 -36.35 11.24
C ALA B 88 24.07 -36.44 12.31
N ARG B 89 24.77 -37.56 12.37
CA ARG B 89 25.86 -37.72 13.33
C ARG B 89 26.94 -36.66 13.12
N ASN B 90 27.28 -36.37 11.87
CA ASN B 90 28.24 -35.31 11.55
C ASN B 90 27.76 -33.91 11.95
N CYS B 91 26.46 -33.67 11.82
CA CYS B 91 25.92 -32.34 12.06
C CYS B 91 25.61 -32.12 13.53
N LEU B 92 25.31 -33.20 14.25
CA LEU B 92 24.98 -33.13 15.67
C LEU B 92 26.11 -33.71 16.52
N SER B 93 26.08 -35.02 16.73
CA SER B 93 27.13 -35.69 17.50
C SER B 93 27.30 -37.15 17.07
N GLN B 94 28.55 -37.59 17.00
CA GLN B 94 28.88 -38.98 16.69
C GLN B 94 28.28 -39.94 17.72
N GLN B 95 27.97 -39.41 18.90
CA GLN B 95 27.52 -40.24 20.02
C GLN B 95 26.03 -40.60 19.98
N LEU B 96 25.33 -40.13 18.97
CA LEU B 96 23.89 -40.40 18.85
C LEU B 96 23.61 -41.64 18.02
N THR B 97 22.77 -42.54 18.56
CA THR B 97 22.41 -43.77 17.87
C THR B 97 21.35 -43.50 16.81
N ASN B 98 21.17 -44.45 15.89
CA ASN B 98 20.15 -44.35 14.87
C ASN B 98 18.79 -44.17 15.52
N GLU B 99 18.60 -44.87 16.64
CA GLU B 99 17.34 -44.86 17.36
C GLU B 99 17.01 -43.46 17.88
N ALA B 100 17.97 -42.84 18.57
CA ALA B 100 17.80 -41.48 19.06
C ALA B 100 17.59 -40.48 17.91
N LEU B 101 18.33 -40.64 16.83
CA LEU B 101 18.26 -39.73 15.70
C LEU B 101 16.93 -39.82 14.95
N ALA B 102 16.40 -41.02 14.83
CA ALA B 102 15.16 -41.25 14.09
C ALA B 102 14.01 -40.49 14.74
N ASN B 103 14.06 -40.36 16.06
CA ASN B 103 13.08 -39.60 16.82
C ASN B 103 13.41 -38.11 16.88
N TYR B 104 14.45 -37.70 16.17
CA TYR B 104 14.85 -36.30 16.17
C TYR B 104 14.94 -35.79 14.74
N ILE B 105 14.24 -36.47 13.85
CA ILE B 105 14.24 -36.11 12.43
C ILE B 105 12.81 -36.00 11.92
N LYS B 106 12.53 -34.95 11.16
CA LYS B 106 11.22 -34.79 10.56
C LYS B 106 11.33 -34.67 9.04
N VAL B 107 10.29 -35.11 8.35
CA VAL B 107 10.30 -35.21 6.90
C VAL B 107 8.96 -34.69 6.40
N GLY B 108 8.99 -33.69 5.53
CA GLY B 108 7.75 -33.15 5.02
C GLY B 108 7.94 -32.09 3.96
N PHE B 109 6.82 -31.62 3.41
CA PHE B 109 6.80 -30.54 2.43
C PHE B 109 6.33 -29.23 3.06
N HIS B 110 6.78 -28.09 2.52
CA HIS B 110 6.13 -26.84 2.84
C HIS B 110 4.81 -26.75 2.07
N ALA B 111 3.75 -26.28 2.73
CA ALA B 111 2.45 -26.17 2.10
C ALA B 111 2.45 -25.10 1.01
N GLY B 112 3.33 -24.13 1.15
CA GLY B 112 3.49 -23.08 0.15
C GLY B 112 4.90 -22.77 -0.30
N PRO B 113 5.57 -23.75 -0.95
CA PRO B 113 6.99 -23.62 -1.28
C PRO B 113 7.35 -22.35 -2.03
N SER B 114 8.56 -21.84 -1.82
CA SER B 114 9.07 -20.74 -2.62
C SER B 114 9.73 -21.26 -3.89
N MET B 115 10.54 -22.31 -3.76
CA MET B 115 11.22 -22.91 -4.90
C MET B 115 10.26 -23.81 -5.67
N ASN B 116 10.33 -23.76 -7.00
CA ASN B 116 9.33 -24.44 -7.85
C ASN B 116 9.53 -25.94 -8.07
N ASN B 117 10.75 -26.42 -7.87
CA ASN B 117 11.03 -27.84 -8.06
C ASN B 117 10.77 -28.63 -6.77
N LEU B 118 9.78 -29.52 -6.84
CA LEU B 118 9.38 -30.35 -5.69
C LEU B 118 10.56 -30.84 -4.86
N HIS B 119 10.54 -30.50 -3.58
CA HIS B 119 11.63 -30.90 -2.67
C HIS B 119 11.06 -31.26 -1.31
N LEU B 120 11.39 -32.46 -0.85
CA LEU B 120 10.98 -32.93 0.45
C LEU B 120 12.06 -32.59 1.48
N HIS B 121 11.70 -31.85 2.50
CA HIS B 121 12.59 -31.52 3.61
C HIS B 121 12.89 -32.72 4.52
N ILE B 122 14.15 -32.95 4.84
CA ILE B 122 14.56 -33.95 5.81
C ILE B 122 15.55 -33.27 6.74
N MET B 123 15.15 -33.09 8.00
CA MET B 123 15.93 -32.22 8.88
C MET B 123 15.78 -32.65 10.33
N THR B 124 16.73 -32.26 11.17
CA THR B 124 16.64 -32.54 12.60
C THR B 124 15.70 -31.51 13.25
N LEU B 125 15.27 -31.79 14.47
CA LEU B 125 14.23 -30.97 15.12
C LEU B 125 14.74 -29.70 15.80
N ASP B 126 16.05 -29.60 15.99
CA ASP B 126 16.65 -28.56 16.84
C ASP B 126 16.32 -27.13 16.43
N HIS B 127 16.32 -26.88 15.12
CA HIS B 127 16.27 -25.51 14.61
C HIS B 127 17.35 -24.62 15.23
N VAL B 128 18.50 -25.21 15.49
CA VAL B 128 19.69 -24.45 15.85
C VAL B 128 20.58 -24.29 14.62
N SER B 129 20.59 -23.07 14.05
CA SER B 129 21.35 -22.82 12.83
C SER B 129 21.46 -21.32 12.55
N PRO B 130 22.65 -20.87 12.13
CA PRO B 130 22.84 -19.47 11.76
C PRO B 130 21.85 -19.03 10.67
N SER B 131 21.46 -19.96 9.81
CA SER B 131 20.55 -19.64 8.70
C SER B 131 19.10 -19.45 9.14
N LEU B 132 18.78 -19.82 10.39
CA LEU B 132 17.46 -19.54 10.94
C LEU B 132 17.44 -18.08 11.43
N LYS B 133 16.90 -17.20 10.62
CA LYS B 133 17.08 -15.76 10.82
C LYS B 133 15.81 -14.97 11.10
N ASN B 134 14.66 -15.62 11.02
CA ASN B 134 13.41 -14.92 11.32
C ASN B 134 12.26 -15.85 11.72
N SER B 135 11.23 -15.24 12.28
CA SER B 135 10.08 -16.00 12.78
C SER B 135 9.42 -16.86 11.71
N ALA B 136 9.29 -16.33 10.50
CA ALA B 136 8.66 -17.08 9.42
C ALA B 136 9.41 -18.37 9.12
N HIS B 137 10.74 -18.32 9.17
CA HIS B 137 11.54 -19.54 9.01
C HIS B 137 11.09 -20.61 9.98
N TYR B 138 11.08 -20.25 11.26
CA TYR B 138 10.78 -21.19 12.34
C TYR B 138 9.36 -21.71 12.24
N ILE B 139 8.41 -20.80 12.05
CA ILE B 139 7.00 -21.17 11.99
C ILE B 139 6.72 -22.10 10.80
N SER B 140 7.37 -21.85 9.67
CA SER B 140 7.13 -22.65 8.47
C SER B 140 7.50 -24.13 8.66
N PHE B 141 8.34 -24.42 9.65
CA PHE B 141 8.77 -25.81 9.90
C PHE B 141 8.14 -26.45 11.13
N THR B 142 7.42 -25.66 11.93
CA THR B 142 6.90 -26.14 13.21
C THR B 142 5.39 -25.97 13.34
N SER B 143 4.70 -25.77 12.22
CA SER B 143 3.26 -25.56 12.22
C SER B 143 2.66 -26.43 11.14
N PRO B 144 1.32 -26.39 10.99
CA PRO B 144 0.72 -27.19 9.91
C PRO B 144 1.21 -26.79 8.53
N PHE B 145 1.92 -25.66 8.43
CA PHE B 145 2.51 -25.26 7.15
C PHE B 145 3.54 -26.30 6.71
N PHE B 146 4.15 -26.97 7.68
CA PHE B 146 5.05 -28.09 7.39
C PHE B 146 4.22 -29.35 7.32
N VAL B 147 4.05 -29.88 6.11
CA VAL B 147 3.19 -31.03 5.89
C VAL B 147 4.00 -32.31 5.94
N LYS B 148 3.99 -32.98 7.09
CA LYS B 148 4.75 -34.21 7.27
C LYS B 148 4.34 -35.26 6.24
N ILE B 149 5.29 -36.07 5.83
CA ILE B 149 5.10 -36.98 4.70
C ILE B 149 4.10 -38.09 4.99
N ASP B 150 3.85 -38.35 6.27
CA ASP B 150 2.86 -39.36 6.66
C ASP B 150 1.53 -38.76 7.10
N THR B 151 1.28 -37.50 6.74
CA THR B 151 -0.02 -36.88 7.00
C THR B 151 -1.10 -37.58 6.18
N PRO B 152 -2.17 -38.06 6.84
CA PRO B 152 -3.24 -38.66 6.05
C PRO B 152 -3.88 -37.62 5.13
N THR B 153 -4.24 -38.06 3.93
CA THR B 153 -4.77 -37.15 2.92
C THR B 153 -5.91 -36.29 3.45
N SER B 154 -6.82 -36.90 4.20
CA SER B 154 -7.99 -36.18 4.68
C SER B 154 -7.61 -35.07 5.67
N ASN B 155 -6.35 -35.06 6.11
CA ASN B 155 -5.91 -34.08 7.09
C ASN B 155 -4.93 -33.04 6.53
N LEU B 156 -4.78 -33.01 5.22
CA LEU B 156 -3.94 -32.01 4.56
C LEU B 156 -4.56 -30.64 4.67
N PRO B 157 -3.72 -29.60 4.79
CA PRO B 157 -4.23 -28.22 4.76
C PRO B 157 -4.63 -27.89 3.34
N THR B 158 -5.52 -26.92 3.16
CA THR B 158 -5.91 -26.50 1.81
C THR B 158 -4.90 -25.52 1.24
N ARG B 159 -4.60 -25.66 -0.04
CA ARG B 159 -3.63 -24.80 -0.70
C ARG B 159 -3.96 -23.32 -0.53
N GLY B 160 -3.00 -22.55 -0.05
CA GLY B 160 -3.10 -21.10 0.05
C GLY B 160 -3.88 -20.52 1.22
N THR B 161 -4.08 -21.31 2.27
CA THR B 161 -4.95 -20.88 3.36
C THR B 161 -4.23 -20.64 4.69
N LEU B 162 -2.91 -20.77 4.71
CA LEU B 162 -2.18 -20.74 5.97
C LEU B 162 -1.42 -19.44 6.24
N THR B 163 -1.67 -18.42 5.42
CA THR B 163 -0.97 -17.15 5.55
C THR B 163 -0.97 -16.62 6.98
N SER B 164 -2.08 -16.77 7.68
CA SER B 164 -2.26 -16.17 8.99
C SER B 164 -1.31 -16.75 10.05
N LEU B 165 -0.85 -17.98 9.82
CA LEU B 165 0.02 -18.66 10.77
C LEU B 165 1.27 -17.85 11.11
N PHE B 166 1.77 -17.11 10.13
CA PHE B 166 3.07 -16.46 10.27
C PHE B 166 3.05 -15.23 11.17
N GLN B 167 1.87 -14.81 11.59
CA GLN B 167 1.71 -13.63 12.42
C GLN B 167 1.59 -14.01 13.89
N GLU B 168 1.42 -15.30 14.14
CA GLU B 168 1.20 -15.78 15.51
C GLU B 168 2.44 -15.69 16.39
N ASP B 169 2.23 -15.74 17.70
CA ASP B 169 3.32 -15.72 18.66
C ASP B 169 4.19 -16.97 18.53
N LEU B 170 5.45 -16.83 18.91
CA LEU B 170 6.42 -17.91 18.81
C LEU B 170 6.34 -18.86 20.00
N LYS B 171 6.42 -20.14 19.71
CA LYS B 171 6.30 -21.17 20.74
C LYS B 171 7.35 -22.26 20.51
N CYS B 172 8.06 -22.63 21.56
CA CYS B 172 9.07 -23.68 21.47
C CYS B 172 8.43 -25.03 21.13
N TRP B 173 8.93 -25.67 20.09
CA TRP B 173 8.39 -26.95 19.64
C TRP B 173 8.57 -28.04 20.71
N ARG B 174 9.58 -27.90 21.55
CA ARG B 174 9.91 -28.96 22.49
C ARG B 174 9.21 -28.87 23.85
N CYS B 175 9.19 -27.68 24.45
CA CYS B 175 8.68 -27.54 25.82
C CYS B 175 7.41 -26.69 25.91
N GLY B 176 7.06 -26.01 24.82
CA GLY B 176 5.83 -25.24 24.79
C GLY B 176 5.93 -23.78 25.20
N GLU B 177 7.04 -23.38 25.81
CA GLU B 177 7.21 -21.99 26.25
C GLU B 177 6.96 -21.02 25.11
N THR B 178 6.30 -19.91 25.42
CA THR B 178 6.00 -18.88 24.40
C THR B 178 6.97 -17.71 24.49
N PHE B 179 7.12 -17.00 23.37
CA PHE B 179 8.12 -15.94 23.28
C PHE B 179 7.60 -14.70 22.58
N GLY B 180 6.29 -14.57 22.47
CA GLY B 180 5.69 -13.48 21.74
C GLY B 180 6.27 -13.44 20.33
N ARG B 181 6.77 -12.27 19.94
CA ARG B 181 7.43 -12.14 18.65
C ARG B 181 8.92 -11.91 18.83
N HIS B 182 9.43 -12.29 20.00
CA HIS B 182 10.84 -12.13 20.33
C HIS B 182 11.68 -13.27 19.76
N PHE B 183 12.00 -13.19 18.48
CA PHE B 183 12.71 -14.26 17.77
C PHE B 183 14.09 -14.53 18.34
N THR B 184 14.82 -13.45 18.68
CA THR B 184 16.16 -13.58 19.22
C THR B 184 16.15 -14.37 20.53
N LYS B 185 15.11 -14.16 21.34
CA LYS B 185 14.97 -14.89 22.59
C LYS B 185 14.65 -16.37 22.34
N LEU B 186 13.78 -16.61 21.37
CA LEU B 186 13.49 -17.99 20.96
C LEU B 186 14.77 -18.68 20.52
N LYS B 187 15.56 -17.99 19.70
CA LYS B 187 16.81 -18.56 19.20
C LYS B 187 17.72 -19.03 20.34
N ALA B 188 17.89 -18.18 21.35
CA ALA B 188 18.75 -18.52 22.47
C ALA B 188 18.19 -19.72 23.21
N HIS B 189 16.86 -19.75 23.35
CA HIS B 189 16.20 -20.86 24.01
C HIS B 189 16.35 -22.16 23.21
N LEU B 190 16.25 -22.08 21.89
CA LEU B 190 16.43 -23.27 21.05
C LEU B 190 17.82 -23.87 21.26
N GLN B 191 18.81 -23.01 21.46
CA GLN B 191 20.17 -23.47 21.72
C GLN B 191 20.22 -24.26 23.02
N GLU B 192 19.60 -23.72 24.07
CA GLU B 192 19.52 -24.42 25.35
C GLU B 192 18.83 -25.77 25.21
N GLU B 193 17.71 -25.78 24.49
CA GLU B 193 16.93 -27.00 24.32
C GLU B 193 17.75 -28.08 23.64
N TYR B 194 18.58 -27.67 22.69
CA TYR B 194 19.43 -28.64 22.02
C TYR B 194 20.47 -29.21 22.96
N ASP B 195 21.17 -28.32 23.67
CA ASP B 195 22.16 -28.74 24.66
C ASP B 195 21.53 -29.73 25.64
N ASP B 196 20.34 -29.42 26.12
CA ASP B 196 19.61 -30.29 27.03
C ASP B 196 19.33 -31.66 26.39
N TRP B 197 18.78 -31.63 25.19
CA TRP B 197 18.44 -32.85 24.48
C TRP B 197 19.68 -33.71 24.25
N LEU B 198 20.74 -33.07 23.76
CA LEU B 198 21.99 -33.78 23.50
C LEU B 198 22.49 -34.47 24.76
N ASP B 199 22.55 -33.73 25.86
CA ASP B 199 23.05 -34.26 27.13
C ASP B 199 22.26 -35.48 27.56
N LYS B 200 20.93 -35.38 27.46
CA LYS B 200 20.03 -36.46 27.85
C LYS B 200 20.14 -37.65 26.90
N SER B 201 20.38 -37.36 25.63
CA SER B 201 20.42 -38.40 24.61
C SER B 201 21.67 -39.27 24.68
N VAL B 202 22.84 -38.65 24.80
CA VAL B 202 24.08 -39.41 24.89
C VAL B 202 24.21 -40.12 26.24
N SER B 203 23.55 -39.58 27.26
CA SER B 203 23.63 -40.13 28.61
C SER B 203 22.77 -41.38 28.81
N MET B 204 23.05 -42.42 28.03
CA MET B 204 22.34 -43.70 28.09
C MET B 204 22.39 -44.41 26.74
N SER C 5 -33.55 -16.50 -17.36
CA SER C 5 -32.35 -16.12 -16.64
C SER C 5 -31.09 -16.41 -17.44
N PHE C 6 -30.09 -15.53 -17.31
CA PHE C 6 -28.80 -15.76 -17.95
C PHE C 6 -28.16 -17.03 -17.41
N ARG C 7 -28.57 -17.42 -16.21
CA ARG C 7 -28.01 -18.59 -15.54
C ARG C 7 -28.40 -19.89 -16.24
N ASP C 8 -29.45 -19.84 -17.06
CA ASP C 8 -29.91 -21.01 -17.79
C ASP C 8 -29.38 -21.07 -19.23
N ASN C 9 -28.41 -20.22 -19.53
CA ASN C 9 -27.92 -20.07 -20.89
C ASN C 9 -27.31 -21.32 -21.53
N LEU C 10 -26.85 -22.27 -20.71
CA LEU C 10 -26.20 -23.47 -21.25
C LEU C 10 -27.20 -24.59 -21.54
N LYS C 11 -28.44 -24.40 -21.14
CA LYS C 11 -29.41 -25.47 -21.28
C LYS C 11 -29.69 -25.83 -22.75
N VAL C 12 -29.56 -24.86 -23.64
CA VAL C 12 -29.82 -25.12 -25.06
C VAL C 12 -28.90 -26.21 -25.62
N TYR C 13 -27.71 -26.35 -25.05
CA TYR C 13 -26.75 -27.33 -25.57
C TYR C 13 -27.13 -28.76 -25.22
N ILE C 14 -27.75 -28.96 -24.05
CA ILE C 14 -28.16 -30.31 -23.68
C ILE C 14 -29.57 -30.61 -24.19
N GLU C 15 -30.36 -29.58 -24.45
CA GLU C 15 -31.71 -29.76 -24.99
CA GLU C 15 -31.70 -29.79 -24.98
C GLU C 15 -31.68 -29.99 -26.49
N SER C 16 -30.91 -29.16 -27.19
CA SER C 16 -30.82 -29.25 -28.65
C SER C 16 -29.39 -29.16 -29.18
N PRO C 17 -28.56 -30.17 -28.85
CA PRO C 17 -27.16 -30.17 -29.32
C PRO C 17 -27.11 -30.14 -30.84
N GLU C 18 -28.17 -30.64 -31.48
CA GLU C 18 -28.22 -30.75 -32.93
C GLU C 18 -28.21 -29.39 -33.63
N SER C 19 -28.49 -28.34 -32.88
CA SER C 19 -28.62 -27.00 -33.44
C SER C 19 -27.33 -26.17 -33.40
N TYR C 20 -26.28 -26.71 -32.77
CA TYR C 20 -25.07 -25.91 -32.54
C TYR C 20 -23.79 -26.54 -33.06
N LYS C 21 -23.15 -25.85 -34.00
CA LYS C 21 -21.91 -26.34 -34.58
C LYS C 21 -20.78 -26.44 -33.55
N ASN C 22 -20.87 -25.64 -32.49
CA ASN C 22 -19.83 -25.68 -31.46
C ASN C 22 -20.04 -26.78 -30.44
N VAL C 23 -21.11 -27.54 -30.62
CA VAL C 23 -21.27 -28.81 -29.93
C VAL C 23 -20.46 -29.86 -30.70
N ILE C 24 -19.28 -30.17 -30.19
CA ILE C 24 -18.34 -31.04 -30.91
C ILE C 24 -18.53 -32.53 -30.59
N TYR C 25 -19.42 -32.83 -29.65
CA TYR C 25 -19.86 -34.20 -29.44
C TYR C 25 -21.19 -34.20 -28.73
N TYR C 26 -22.07 -35.11 -29.10
CA TYR C 26 -23.23 -35.39 -28.27
C TYR C 26 -23.72 -36.82 -28.42
N ASP C 27 -24.29 -37.33 -27.34
CA ASP C 27 -25.02 -38.59 -27.37
C ASP C 27 -26.19 -38.47 -26.39
N ASP C 28 -26.81 -39.58 -26.04
CA ASP C 28 -27.99 -39.52 -25.18
C ASP C 28 -27.67 -38.95 -23.79
N ASP C 29 -26.40 -39.10 -23.37
CA ASP C 29 -25.99 -38.83 -21.99
C ASP C 29 -25.23 -37.53 -21.74
N VAL C 30 -24.41 -37.09 -22.70
CA VAL C 30 -23.55 -35.92 -22.50
C VAL C 30 -23.41 -35.06 -23.76
N VAL C 31 -22.93 -33.85 -23.55
CA VAL C 31 -22.61 -32.94 -24.65
C VAL C 31 -21.28 -32.26 -24.37
N LEU C 32 -20.41 -32.25 -25.35
CA LEU C 32 -19.15 -31.53 -25.26
C LEU C 32 -19.25 -30.27 -26.12
N VAL C 33 -19.18 -29.10 -25.50
CA VAL C 33 -19.38 -27.86 -26.23
C VAL C 33 -18.22 -26.89 -25.99
N ARG C 34 -17.85 -26.14 -27.03
CA ARG C 34 -16.84 -25.09 -26.86
C ARG C 34 -17.36 -24.00 -25.94
N ASP C 35 -16.51 -23.53 -25.02
CA ASP C 35 -16.89 -22.43 -24.17
C ASP C 35 -16.93 -21.16 -25.03
N MET C 36 -18.02 -20.42 -24.94
CA MET C 36 -18.23 -19.23 -25.78
C MET C 36 -17.29 -18.08 -25.40
N PHE C 37 -16.76 -18.14 -24.19
CA PHE C 37 -15.81 -17.11 -23.73
C PHE C 37 -14.59 -17.78 -23.11
N PRO C 38 -13.79 -18.44 -23.96
CA PRO C 38 -12.71 -19.32 -23.49
C PRO C 38 -11.72 -18.58 -22.60
N LYS C 39 -11.37 -19.16 -21.45
CA LYS C 39 -10.45 -18.52 -20.53
C LYS C 39 -9.03 -19.06 -20.70
N SER C 40 -8.87 -19.99 -21.65
CA SER C 40 -7.57 -20.46 -22.10
C SER C 40 -7.68 -20.72 -23.59
N LYS C 41 -6.54 -20.95 -24.24
CA LYS C 41 -6.55 -21.19 -25.69
C LYS C 41 -7.54 -22.29 -26.10
N MET C 42 -7.58 -23.38 -25.33
CA MET C 42 -8.67 -24.36 -25.48
C MET C 42 -9.51 -24.35 -24.22
N HIS C 43 -10.83 -24.32 -24.38
CA HIS C 43 -11.73 -24.32 -23.25
C HIS C 43 -13.06 -24.94 -23.68
N LEU C 44 -13.35 -26.13 -23.16
CA LEU C 44 -14.55 -26.86 -23.50
C LEU C 44 -15.37 -27.14 -22.26
N LEU C 45 -16.66 -27.41 -22.44
CA LEU C 45 -17.55 -27.79 -21.35
C LEU C 45 -18.17 -29.16 -21.63
N LEU C 46 -18.06 -30.07 -20.67
CA LEU C 46 -18.71 -31.37 -20.80
C LEU C 46 -19.92 -31.39 -19.87
N MET C 47 -21.10 -31.55 -20.44
CA MET C 47 -22.35 -31.41 -19.72
C MET C 47 -23.16 -32.70 -19.72
N THR C 48 -23.67 -33.08 -18.55
CA THR C 48 -24.64 -34.17 -18.47
C THR C 48 -25.96 -33.71 -19.07
N ARG C 49 -26.65 -34.59 -19.78
CA ARG C 49 -27.97 -34.26 -20.32
C ARG C 49 -29.07 -34.75 -19.39
N ASP C 50 -28.69 -35.45 -18.33
CA ASP C 50 -29.66 -35.96 -17.37
C ASP C 50 -30.44 -34.82 -16.72
N PRO C 51 -31.78 -34.80 -16.90
CA PRO C 51 -32.63 -33.70 -16.43
C PRO C 51 -32.53 -33.45 -14.93
N HIS C 52 -32.21 -34.49 -14.16
CA HIS C 52 -32.04 -34.30 -12.72
C HIS C 52 -30.63 -33.83 -12.41
N LEU C 53 -29.65 -34.61 -12.86
CA LEU C 53 -28.24 -34.37 -12.52
C LEU C 53 -27.74 -33.00 -12.98
N THR C 54 -28.30 -32.48 -14.05
CA THR C 54 -27.86 -31.18 -14.58
C THR C 54 -28.01 -30.07 -13.54
N HIS C 55 -28.98 -30.23 -12.65
CA HIS C 55 -29.26 -29.20 -11.65
C HIS C 55 -28.70 -29.51 -10.27
N VAL C 56 -27.97 -30.61 -10.16
CA VAL C 56 -27.27 -30.91 -8.92
C VAL C 56 -25.98 -30.12 -8.86
N HIS C 57 -25.69 -29.53 -7.70
CA HIS C 57 -24.50 -28.71 -7.52
C HIS C 57 -23.24 -29.57 -7.68
N PRO C 58 -22.18 -29.00 -8.29
CA PRO C 58 -20.97 -29.77 -8.61
C PRO C 58 -20.33 -30.40 -7.37
N LEU C 59 -20.38 -29.73 -6.23
CA LEU C 59 -19.81 -30.30 -5.02
C LEU C 59 -20.59 -31.51 -4.56
N GLU C 60 -21.90 -31.47 -4.72
CA GLU C 60 -22.77 -32.62 -4.42
C GLU C 60 -22.48 -33.75 -5.41
N ILE C 61 -22.28 -33.40 -6.67
CA ILE C 61 -21.90 -34.39 -7.68
C ILE C 61 -20.63 -35.14 -7.24
N MET C 62 -19.57 -34.38 -6.94
CA MET C 62 -18.31 -34.96 -6.50
C MET C 62 -18.48 -35.83 -5.25
N MET C 63 -19.34 -35.39 -4.35
CA MET C 63 -19.50 -36.07 -3.06
C MET C 63 -20.29 -37.36 -3.17
N LYS C 64 -21.40 -37.33 -3.89
CA LYS C 64 -22.37 -38.42 -3.81
C LYS C 64 -22.82 -38.98 -5.16
N HIS C 65 -22.19 -38.53 -6.24
CA HIS C 65 -22.54 -39.08 -7.55
C HIS C 65 -21.29 -39.60 -8.26
N ARG C 66 -20.62 -40.54 -7.60
CA ARG C 66 -19.35 -41.07 -8.08
C ARG C 66 -19.49 -41.80 -9.42
N SER C 67 -20.65 -42.38 -9.68
CA SER C 67 -20.89 -43.03 -10.96
C SER C 67 -20.83 -42.02 -12.08
N LEU C 68 -21.48 -40.88 -11.91
CA LEU C 68 -21.43 -39.82 -12.92
C LEU C 68 -20.01 -39.30 -13.10
N VAL C 69 -19.31 -39.06 -11.99
CA VAL C 69 -17.94 -38.60 -12.06
C VAL C 69 -17.10 -39.60 -12.89
N GLU C 70 -17.19 -40.88 -12.54
CA GLU C 70 -16.46 -41.91 -13.27
C GLU C 70 -16.82 -41.94 -14.75
N LYS C 71 -18.10 -41.71 -15.06
CA LYS C 71 -18.55 -41.70 -16.45
C LYS C 71 -17.98 -40.52 -17.23
N LEU C 72 -17.94 -39.34 -16.61
CA LEU C 72 -17.36 -38.16 -17.25
C LEU C 72 -15.86 -38.36 -17.51
N VAL C 73 -15.14 -38.85 -16.50
CA VAL C 73 -13.72 -39.12 -16.65
C VAL C 73 -13.50 -40.15 -17.77
N SER C 74 -14.38 -41.14 -17.84
CA SER C 74 -14.29 -42.15 -18.89
C SER C 74 -14.44 -41.55 -20.30
N TYR C 75 -15.36 -40.61 -20.46
CA TYR C 75 -15.51 -39.89 -21.72
C TYR C 75 -14.23 -39.15 -22.10
N VAL C 76 -13.72 -38.37 -21.15
CA VAL C 76 -12.54 -37.54 -21.35
C VAL C 76 -11.29 -38.34 -21.73
N GLN C 77 -11.05 -39.43 -21.01
CA GLN C 77 -9.86 -40.25 -21.22
C GLN C 77 -10.05 -41.32 -22.30
N GLY C 78 -11.27 -41.48 -22.79
CA GLY C 78 -11.57 -42.51 -23.77
C GLY C 78 -12.13 -41.97 -25.09
N ASP C 79 -13.45 -42.10 -25.26
CA ASP C 79 -14.09 -41.77 -26.53
C ASP C 79 -13.96 -40.31 -26.97
N LEU C 80 -13.72 -39.41 -26.03
CA LEU C 80 -13.51 -38.00 -26.39
C LEU C 80 -12.04 -37.57 -26.45
N SER C 81 -11.12 -38.48 -26.11
CA SER C 81 -9.71 -38.13 -25.98
C SER C 81 -9.08 -37.63 -27.29
N GLY C 82 -9.23 -38.40 -28.37
CA GLY C 82 -8.74 -37.97 -29.66
C GLY C 82 -9.32 -36.62 -30.07
N LEU C 83 -10.63 -36.47 -29.89
CA LEU C 83 -11.30 -35.22 -30.21
C LEU C 83 -10.69 -34.04 -29.44
N ILE C 84 -10.49 -34.23 -28.14
CA ILE C 84 -9.96 -33.17 -27.30
C ILE C 84 -8.53 -32.80 -27.70
N PHE C 85 -7.71 -33.81 -28.03
CA PHE C 85 -6.34 -33.55 -28.46
C PHE C 85 -6.29 -32.78 -29.77
N ASP C 86 -7.22 -33.05 -30.68
CA ASP C 86 -7.27 -32.30 -31.93
C ASP C 86 -7.67 -30.85 -31.67
N GLU C 87 -8.68 -30.66 -30.83
CA GLU C 87 -9.06 -29.31 -30.42
C GLU C 87 -7.85 -28.59 -29.84
N ALA C 88 -7.12 -29.27 -28.95
CA ALA C 88 -5.93 -28.67 -28.35
C ALA C 88 -4.87 -28.30 -29.39
N ARG C 89 -4.60 -29.22 -30.31
CA ARG C 89 -3.63 -28.94 -31.37
C ARG C 89 -4.06 -27.77 -32.25
N ASN C 90 -5.35 -27.71 -32.58
CA ASN C 90 -5.88 -26.58 -33.35
C ASN C 90 -5.81 -25.24 -32.59
N CYS C 91 -5.94 -25.30 -31.28
CA CYS C 91 -6.00 -24.09 -30.47
C CYS C 91 -4.61 -23.62 -30.08
N LEU C 92 -3.68 -24.56 -29.97
CA LEU C 92 -2.32 -24.25 -29.57
C LEU C 92 -1.36 -24.43 -30.75
N SER C 93 -0.86 -25.64 -30.94
CA SER C 93 0.01 -25.93 -32.07
C SER C 93 -0.09 -27.39 -32.53
N GLN C 94 -0.09 -27.59 -33.85
CA GLN C 94 -0.10 -28.94 -34.42
C GLN C 94 1.12 -29.75 -33.98
N GLN C 95 2.16 -29.07 -33.54
CA GLN C 95 3.43 -29.71 -33.20
C GLN C 95 3.45 -30.35 -31.81
N LEU C 96 2.36 -30.22 -31.05
CA LEU C 96 2.32 -30.76 -29.70
C LEU C 96 1.77 -32.18 -29.68
N THR C 97 2.50 -33.10 -29.05
CA THR C 97 2.10 -34.48 -28.96
C THR C 97 1.01 -34.65 -27.90
N ASN C 98 0.32 -35.79 -27.93
CA ASN C 98 -0.68 -36.12 -26.91
C ASN C 98 -0.06 -36.06 -25.52
N GLU C 99 1.16 -36.54 -25.40
CA GLU C 99 1.87 -36.58 -24.13
C GLU C 99 2.03 -35.17 -23.55
N ALA C 100 2.58 -34.27 -24.35
CA ALA C 100 2.76 -32.89 -23.93
C ALA C 100 1.43 -32.22 -23.58
N LEU C 101 0.42 -32.48 -24.39
CA LEU C 101 -0.88 -31.86 -24.20
C LEU C 101 -1.59 -32.34 -22.95
N ALA C 102 -1.48 -33.64 -22.67
CA ALA C 102 -2.13 -34.21 -21.50
C ALA C 102 -1.61 -33.59 -20.21
N ASN C 103 -0.35 -33.15 -20.22
CA ASN C 103 0.24 -32.45 -19.08
C ASN C 103 -0.02 -30.94 -19.10
N TYR C 104 -0.78 -30.49 -20.09
CA TYR C 104 -1.09 -29.07 -20.21
C TYR C 104 -2.61 -28.88 -20.24
N ILE C 105 -3.33 -29.85 -19.71
CA ILE C 105 -4.79 -29.81 -19.68
C ILE C 105 -5.31 -30.05 -18.27
N LYS C 106 -6.29 -29.27 -17.85
CA LYS C 106 -6.92 -29.49 -16.56
C LYS C 106 -8.42 -29.65 -16.72
N VAL C 107 -9.00 -30.44 -15.82
CA VAL C 107 -10.41 -30.81 -15.88
C VAL C 107 -11.01 -30.64 -14.49
N GLY C 108 -12.09 -29.88 -14.38
CA GLY C 108 -12.70 -29.68 -13.09
C GLY C 108 -13.95 -28.83 -13.10
N PHE C 109 -14.59 -28.74 -11.94
CA PHE C 109 -15.78 -27.93 -11.73
C PHE C 109 -15.44 -26.62 -11.00
N HIS C 110 -16.17 -25.55 -11.28
CA HIS C 110 -16.14 -24.39 -10.41
C HIS C 110 -16.91 -24.73 -9.13
N ALA C 111 -16.38 -24.33 -7.99
CA ALA C 111 -17.02 -24.61 -6.71
C ALA C 111 -18.29 -23.76 -6.53
N GLY C 112 -18.37 -22.66 -7.25
CA GLY C 112 -19.54 -21.81 -7.23
C GLY C 112 -20.05 -21.34 -8.57
N PRO C 113 -20.49 -22.29 -9.42
CA PRO C 113 -20.83 -21.97 -10.81
C PRO C 113 -21.83 -20.84 -10.97
N SER C 114 -21.75 -20.11 -12.08
CA SER C 114 -22.76 -19.10 -12.39
C SER C 114 -23.89 -19.71 -13.21
N MET C 115 -23.54 -20.58 -14.16
CA MET C 115 -24.54 -21.27 -14.97
C MET C 115 -25.14 -22.47 -14.22
N ASN C 116 -26.45 -22.63 -14.31
CA ASN C 116 -27.16 -23.64 -13.51
C ASN C 116 -27.03 -25.10 -14.00
N ASN C 117 -26.72 -25.28 -15.28
CA ASN C 117 -26.59 -26.62 -15.83
C ASN C 117 -25.17 -27.18 -15.67
N LEU C 118 -25.04 -28.24 -14.87
CA LEU C 118 -23.76 -28.88 -14.58
C LEU C 118 -22.84 -28.96 -15.80
N HIS C 119 -21.64 -28.40 -15.68
CA HIS C 119 -20.69 -28.39 -16.77
C HIS C 119 -19.27 -28.56 -16.25
N LEU C 120 -18.60 -29.57 -16.75
CA LEU C 120 -17.21 -29.84 -16.41
C LEU C 120 -16.29 -29.07 -17.36
N HIS C 121 -15.41 -28.26 -16.82
CA HIS C 121 -14.42 -27.54 -17.58
C HIS C 121 -13.29 -28.44 -18.06
N ILE C 122 -12.96 -28.35 -19.35
CA ILE C 122 -11.80 -29.03 -19.90
C ILE C 122 -10.99 -28.01 -20.69
N MET C 123 -9.80 -27.67 -20.20
CA MET C 123 -9.10 -26.51 -20.73
C MET C 123 -7.59 -26.65 -20.61
N THR C 124 -6.86 -25.92 -21.45
CA THR C 124 -5.41 -25.90 -21.36
C THR C 124 -4.97 -24.96 -20.23
N LEU C 125 -3.71 -25.06 -19.82
CA LEU C 125 -3.24 -24.35 -18.64
C LEU C 125 -2.85 -22.88 -18.88
N ASP C 126 -2.71 -22.49 -20.15
CA ASP C 126 -2.10 -21.21 -20.51
C ASP C 126 -2.80 -19.98 -19.92
N HIS C 127 -4.13 -19.99 -19.94
CA HIS C 127 -4.91 -18.80 -19.65
C HIS C 127 -4.52 -17.61 -20.51
N VAL C 128 -4.16 -17.90 -21.75
CA VAL C 128 -3.94 -16.85 -22.74
C VAL C 128 -5.17 -16.77 -23.65
N SER C 129 -5.98 -15.74 -23.44
CA SER C 129 -7.22 -15.58 -24.20
C SER C 129 -7.81 -14.18 -24.03
N PRO C 130 -8.31 -13.60 -25.13
CA PRO C 130 -8.98 -12.31 -25.06
C PRO C 130 -10.16 -12.32 -24.07
N SER C 131 -10.77 -13.49 -23.87
CA SER C 131 -11.92 -13.59 -22.98
C SER C 131 -11.53 -13.57 -21.51
N LEU C 132 -10.25 -13.76 -21.21
CA LEU C 132 -9.77 -13.61 -19.84
C LEU C 132 -9.60 -12.12 -19.56
N LYS C 133 -10.56 -11.53 -18.86
CA LYS C 133 -10.64 -10.08 -18.79
C LYS C 133 -10.51 -9.49 -17.39
N ASN C 134 -10.55 -10.34 -16.37
CA ASN C 134 -10.42 -9.82 -15.00
C ASN C 134 -9.81 -10.83 -14.03
N SER C 135 -9.37 -10.33 -12.88
CA SER C 135 -8.70 -11.15 -11.89
C SER C 135 -9.55 -12.32 -11.42
N ALA C 136 -10.86 -12.10 -11.27
CA ALA C 136 -11.75 -13.15 -10.81
C ALA C 136 -11.78 -14.32 -11.80
N HIS C 137 -11.75 -14.01 -13.09
CA HIS C 137 -11.65 -15.05 -14.12
C HIS C 137 -10.48 -15.98 -13.83
N TYR C 138 -9.30 -15.38 -13.71
CA TYR C 138 -8.05 -16.11 -13.52
C TYR C 138 -8.05 -16.92 -12.23
N ILE C 139 -8.39 -16.27 -11.13
CA ILE C 139 -8.38 -16.91 -9.82
C ILE C 139 -9.34 -18.10 -9.76
N SER C 140 -10.47 -17.99 -10.43
CA SER C 140 -11.48 -19.05 -10.40
C SER C 140 -10.99 -20.36 -11.01
N PHE C 141 -9.97 -20.28 -11.88
CA PHE C 141 -9.43 -21.48 -12.54
C PHE C 141 -8.10 -21.95 -11.98
N THR C 142 -7.51 -21.17 -11.09
CA THR C 142 -6.15 -21.43 -10.62
C THR C 142 -6.05 -21.54 -9.10
N SER C 143 -7.20 -21.63 -8.44
CA SER C 143 -7.26 -21.73 -6.98
C SER C 143 -8.13 -22.91 -6.60
N PRO C 144 -8.27 -23.18 -5.29
CA PRO C 144 -9.17 -24.27 -4.86
C PRO C 144 -10.60 -24.08 -5.36
N PHE C 145 -10.95 -22.89 -5.84
CA PHE C 145 -12.27 -22.66 -6.41
C PHE C 145 -12.48 -23.56 -7.63
N PHE C 146 -11.39 -23.88 -8.31
CA PHE C 146 -11.44 -24.84 -9.40
C PHE C 146 -11.24 -26.23 -8.80
N VAL C 147 -12.31 -27.02 -8.80
CA VAL C 147 -12.25 -28.35 -8.18
C VAL C 147 -11.92 -29.39 -9.25
N LYS C 148 -10.67 -29.83 -9.27
CA LYS C 148 -10.25 -30.84 -10.25
C LYS C 148 -11.06 -32.12 -10.07
N ILE C 149 -11.32 -32.81 -11.18
CA ILE C 149 -12.24 -33.94 -11.19
C ILE C 149 -11.72 -35.13 -10.38
N ASP C 150 -10.41 -35.17 -10.15
CA ASP C 150 -9.81 -36.23 -9.35
C ASP C 150 -9.51 -35.81 -7.91
N THR C 151 -10.16 -34.75 -7.45
CA THR C 151 -10.01 -34.35 -6.05
C THR C 151 -10.66 -35.39 -5.14
N PRO C 152 -9.91 -35.92 -4.17
CA PRO C 152 -10.54 -36.86 -3.25
C PRO C 152 -11.65 -36.18 -2.45
N THR C 153 -12.74 -36.89 -2.21
CA THR C 153 -13.92 -36.31 -1.58
C THR C 153 -13.59 -35.60 -0.26
N SER C 154 -12.74 -36.21 0.55
CA SER C 154 -12.40 -35.64 1.84
C SER C 154 -11.67 -34.31 1.71
N ASN C 155 -11.24 -33.97 0.50
CA ASN C 155 -10.49 -32.73 0.28
C ASN C 155 -11.25 -31.67 -0.51
N LEU C 156 -12.55 -31.89 -0.72
CA LEU C 156 -13.39 -30.91 -1.40
C LEU C 156 -13.56 -29.68 -0.51
N PRO C 157 -13.68 -28.49 -1.13
CA PRO C 157 -13.97 -27.29 -0.37
C PRO C 157 -15.43 -27.33 0.03
N THR C 158 -15.81 -26.59 1.06
CA THR C 158 -17.22 -26.53 1.47
C THR C 158 -17.97 -25.52 0.63
N ARG C 159 -19.18 -25.88 0.22
CA ARG C 159 -20.00 -24.99 -0.60
C ARG C 159 -20.13 -23.60 0.03
N GLY C 160 -19.88 -22.57 -0.78
CA GLY C 160 -20.09 -21.19 -0.37
C GLY C 160 -19.05 -20.52 0.50
N THR C 161 -17.89 -21.14 0.67
CA THR C 161 -16.89 -20.66 1.62
C THR C 161 -15.65 -20.02 0.99
N LEU C 162 -15.63 -19.93 -0.34
CA LEU C 162 -14.42 -19.51 -1.04
C LEU C 162 -14.42 -18.04 -1.48
N THR C 163 -15.43 -17.29 -1.04
CA THR C 163 -15.58 -15.90 -1.44
C THR C 163 -14.30 -15.07 -1.34
N SER C 164 -13.55 -15.28 -0.26
CA SER C 164 -12.39 -14.43 0.03
C SER C 164 -11.23 -14.60 -0.95
N LEU C 165 -11.18 -15.75 -1.63
CA LEU C 165 -10.11 -16.04 -2.57
C LEU C 165 -9.95 -14.97 -3.63
N PHE C 166 -11.06 -14.36 -4.02
CA PHE C 166 -11.05 -13.49 -5.18
C PHE C 166 -10.44 -12.11 -4.91
N GLN C 167 -10.13 -11.84 -3.65
CA GLN C 167 -9.55 -10.56 -3.27
C GLN C 167 -8.04 -10.65 -3.10
N GLU C 168 -7.52 -11.87 -3.19
CA GLU C 168 -6.08 -12.09 -2.99
C GLU C 168 -5.23 -11.60 -4.16
N ASP C 169 -3.94 -11.42 -3.91
CA ASP C 169 -3.01 -10.99 -4.94
C ASP C 169 -2.89 -12.04 -6.05
N LEU C 170 -2.52 -11.60 -7.24
CA LEU C 170 -2.40 -12.46 -8.40
C LEU C 170 -1.04 -13.17 -8.42
N LYS C 171 -1.05 -14.43 -8.82
CA LYS C 171 0.14 -15.25 -8.82
C LYS C 171 0.15 -16.14 -10.06
N CYS C 172 1.26 -16.12 -10.79
CA CYS C 172 1.40 -16.97 -11.98
C CYS C 172 1.38 -18.45 -11.61
N TRP C 173 0.47 -19.19 -12.24
CA TRP C 173 0.32 -20.62 -11.96
C TRP C 173 1.59 -21.40 -12.32
N ARG C 174 2.36 -20.90 -13.28
CA ARG C 174 3.51 -21.65 -13.77
C ARG C 174 4.81 -21.43 -13.01
N CYS C 175 5.14 -20.17 -12.71
CA CYS C 175 6.44 -19.86 -12.10
C CYS C 175 6.34 -19.27 -10.70
N GLY C 176 5.13 -18.89 -10.28
CA GLY C 176 4.93 -18.40 -8.92
C GLY C 176 5.07 -16.89 -8.71
N GLU C 177 5.58 -16.19 -9.71
CA GLU C 177 5.72 -14.74 -9.63
C GLU C 177 4.39 -14.07 -9.25
N THR C 178 4.46 -13.03 -8.43
CA THR C 178 3.26 -12.32 -8.00
C THR C 178 3.08 -10.99 -8.74
N PHE C 179 1.84 -10.53 -8.81
CA PHE C 179 1.54 -9.34 -9.59
C PHE C 179 0.58 -8.39 -8.86
N GLY C 180 0.47 -8.54 -7.55
CA GLY C 180 -0.48 -7.76 -6.78
C GLY C 180 -1.85 -7.91 -7.39
N ARG C 181 -2.52 -6.79 -7.63
CA ARG C 181 -3.80 -6.81 -8.32
C ARG C 181 -3.66 -6.26 -9.74
N HIS C 182 -2.43 -6.28 -10.25
CA HIS C 182 -2.15 -5.79 -11.60
C HIS C 182 -2.46 -6.85 -12.66
N PHE C 183 -3.74 -6.99 -12.99
CA PHE C 183 -4.20 -8.00 -13.94
C PHE C 183 -3.56 -7.88 -15.32
N THR C 184 -3.47 -6.66 -15.82
CA THR C 184 -2.89 -6.42 -17.14
C THR C 184 -1.45 -6.91 -17.21
N LYS C 185 -0.71 -6.73 -16.13
CA LYS C 185 0.67 -7.22 -16.08
C LYS C 185 0.72 -8.74 -16.03
N LEU C 186 -0.19 -9.36 -15.28
CA LEU C 186 -0.31 -10.81 -15.28
C LEU C 186 -0.56 -11.30 -16.69
N LYS C 187 -1.53 -10.68 -17.36
CA LYS C 187 -1.89 -11.07 -18.73
C LYS C 187 -0.69 -11.11 -19.66
N ALA C 188 0.11 -10.05 -19.63
CA ALA C 188 1.29 -9.99 -20.49
C ALA C 188 2.27 -11.10 -20.12
N HIS C 189 2.41 -11.35 -18.82
CA HIS C 189 3.29 -12.40 -18.35
C HIS C 189 2.82 -13.78 -18.77
N LEU C 190 1.50 -14.00 -18.74
CA LEU C 190 0.94 -15.27 -19.18
C LEU C 190 1.27 -15.55 -20.64
N GLN C 191 1.27 -14.50 -21.46
CA GLN C 191 1.61 -14.63 -22.86
C GLN C 191 3.03 -15.14 -23.01
N GLU C 192 3.94 -14.53 -22.27
CA GLU C 192 5.34 -14.93 -22.28
C GLU C 192 5.51 -16.36 -21.80
N GLU C 193 4.78 -16.72 -20.75
CA GLU C 193 4.85 -18.07 -20.19
C GLU C 193 4.43 -19.10 -21.22
N TYR C 194 3.40 -18.79 -22.00
CA TYR C 194 2.96 -19.69 -23.06
C TYR C 194 4.02 -19.82 -24.14
N ASP C 195 4.51 -18.69 -24.63
CA ASP C 195 5.58 -18.68 -25.62
C ASP C 195 6.74 -19.57 -25.15
N ASP C 196 7.11 -19.40 -23.89
CA ASP C 196 8.18 -20.20 -23.30
C ASP C 196 7.85 -21.68 -23.29
N TRP C 197 6.66 -22.02 -22.79
CA TRP C 197 6.24 -23.42 -22.71
C TRP C 197 6.17 -24.04 -24.11
N LEU C 198 5.61 -23.31 -25.06
CA LEU C 198 5.49 -23.81 -26.42
C LEU C 198 6.85 -24.13 -27.02
N ASP C 199 7.80 -23.21 -26.87
CA ASP C 199 9.14 -23.38 -27.42
C ASP C 199 9.82 -24.61 -26.81
N LYS C 200 9.68 -24.76 -25.50
CA LYS C 200 10.27 -25.88 -24.78
C LYS C 200 9.64 -27.20 -25.20
N SER C 201 8.34 -27.15 -25.50
CA SER C 201 7.58 -28.37 -25.78
C SER C 201 7.87 -28.91 -27.18
N VAL C 202 7.91 -28.02 -28.18
CA VAL C 202 8.18 -28.44 -29.54
C VAL C 202 9.69 -28.58 -29.81
N SER C 203 10.49 -28.40 -28.78
CA SER C 203 11.94 -28.54 -28.91
C SER C 203 12.45 -29.79 -28.21
N MET C 204 11.62 -30.37 -27.35
CA MET C 204 11.96 -31.60 -26.64
C MET C 204 12.57 -32.61 -27.61
N SER D 5 8.30 21.92 -10.56
CA SER D 5 7.14 21.26 -9.98
C SER D 5 5.84 21.84 -10.53
N PHE D 6 4.84 20.98 -10.71
CA PHE D 6 3.53 21.44 -11.14
C PHE D 6 2.94 22.40 -10.12
N ARG D 7 3.41 22.28 -8.88
CA ARG D 7 2.91 23.09 -7.78
C ARG D 7 3.32 24.56 -7.89
N ASP D 8 4.28 24.84 -8.77
CA ASP D 8 4.75 26.21 -8.98
C ASP D 8 4.19 26.82 -10.26
N ASN D 9 3.21 26.15 -10.85
CA ASN D 9 2.66 26.55 -12.14
C ASN D 9 2.01 27.94 -12.19
N LEU D 10 1.60 28.46 -11.05
CA LEU D 10 0.93 29.76 -11.02
C LEU D 10 1.91 30.93 -10.88
N LYS D 11 3.18 30.63 -10.61
CA LYS D 11 4.13 31.69 -10.36
C LYS D 11 4.36 32.56 -11.59
N VAL D 12 4.18 32.00 -12.78
CA VAL D 12 4.41 32.77 -14.00
C VAL D 12 3.48 33.98 -14.10
N TYR D 13 2.30 33.89 -13.49
CA TYR D 13 1.35 35.00 -13.54
C TYR D 13 1.77 36.17 -12.66
N ILE D 14 2.43 35.87 -11.54
CA ILE D 14 2.90 36.97 -10.69
C ILE D 14 4.29 37.45 -11.09
N GLU D 15 5.04 36.60 -11.77
CA GLU D 15 6.36 36.99 -12.27
C GLU D 15 6.21 37.82 -13.55
N SER D 16 5.39 37.32 -14.47
CA SER D 16 5.25 37.94 -15.79
C SER D 16 3.81 38.07 -16.26
N PRO D 17 3.00 38.87 -15.53
CA PRO D 17 1.58 39.03 -15.90
C PRO D 17 1.46 39.61 -17.30
N GLU D 18 2.49 40.34 -17.73
CA GLU D 18 2.48 41.00 -19.03
C GLU D 18 2.45 40.03 -20.20
N SER D 19 2.76 38.77 -19.92
CA SER D 19 2.86 37.76 -20.97
C SER D 19 1.57 36.95 -21.17
N TYR D 20 0.55 37.19 -20.35
CA TYR D 20 -0.66 36.36 -20.40
C TYR D 20 -1.95 37.14 -20.59
N LYS D 21 -2.64 36.86 -21.68
CA LYS D 21 -3.89 37.56 -22.00
C LYS D 21 -4.97 37.22 -20.99
N ASN D 22 -4.85 36.07 -20.32
CA ASN D 22 -5.84 35.69 -19.30
C ASN D 22 -5.57 36.32 -17.94
N VAL D 23 -4.53 37.12 -17.87
CA VAL D 23 -4.33 38.02 -16.73
C VAL D 23 -5.16 39.28 -17.01
N ILE D 24 -6.32 39.36 -16.37
CA ILE D 24 -7.27 40.43 -16.68
C ILE D 24 -7.07 41.66 -15.80
N TYR D 25 -6.13 41.58 -14.88
CA TYR D 25 -5.67 42.75 -14.15
C TYR D 25 -4.31 42.47 -13.52
N TYR D 26 -3.44 43.47 -13.54
CA TYR D 26 -2.25 43.41 -12.71
C TYR D 26 -1.75 44.79 -12.33
N ASP D 27 -1.18 44.88 -11.13
CA ASP D 27 -0.41 46.03 -10.71
C ASP D 27 0.81 45.56 -9.94
N ASP D 28 1.46 46.45 -9.20
CA ASP D 28 2.67 46.06 -8.48
C ASP D 28 2.39 45.04 -7.38
N ASP D 29 1.14 44.99 -6.91
CA ASP D 29 0.78 44.22 -5.72
C ASP D 29 0.05 42.89 -5.99
N VAL D 30 -0.81 42.86 -7.00
CA VAL D 30 -1.67 41.71 -7.23
C VAL D 30 -1.86 41.40 -8.72
N VAL D 31 -2.32 40.19 -8.98
CA VAL D 31 -2.68 39.75 -10.32
C VAL D 31 -4.02 39.03 -10.25
N LEU D 32 -4.92 39.37 -11.16
CA LEU D 32 -6.19 38.66 -11.27
C LEU D 32 -6.15 37.85 -12.56
N VAL D 33 -6.23 36.52 -12.45
CA VAL D 33 -6.09 35.65 -13.61
C VAL D 33 -7.24 34.65 -13.71
N ARG D 34 -7.66 34.37 -14.94
CA ARG D 34 -8.67 33.34 -15.14
C ARG D 34 -8.13 31.98 -14.75
N ASP D 35 -8.92 31.20 -14.02
CA ASP D 35 -8.52 29.83 -13.71
C ASP D 35 -8.51 29.02 -15.01
N MET D 36 -7.41 28.32 -15.27
CA MET D 36 -7.25 27.55 -16.50
C MET D 36 -8.19 26.35 -16.56
N PHE D 37 -8.66 25.91 -15.40
CA PHE D 37 -9.59 24.77 -15.33
C PHE D 37 -10.78 25.13 -14.44
N PRO D 38 -11.61 26.07 -14.90
CA PRO D 38 -12.67 26.69 -14.10
C PRO D 38 -13.65 25.66 -13.55
N LYS D 39 -13.93 25.73 -12.26
CA LYS D 39 -14.82 24.77 -11.60
C LYS D 39 -16.24 25.33 -11.49
N SER D 40 -16.42 26.54 -12.00
CA SER D 40 -17.73 27.15 -12.19
C SER D 40 -17.68 27.97 -13.48
N LYS D 41 -18.83 28.44 -13.94
CA LYS D 41 -18.88 29.21 -15.18
C LYS D 41 -17.88 30.37 -15.19
N MET D 42 -17.81 31.12 -14.08
CA MET D 42 -16.74 32.08 -13.89
C MET D 42 -15.85 31.59 -12.77
N HIS D 43 -14.53 31.60 -13.00
CA HIS D 43 -13.59 31.17 -11.98
C HIS D 43 -12.28 31.94 -12.19
N LEU D 44 -11.97 32.82 -11.24
CA LEU D 44 -10.78 33.66 -11.32
C LEU D 44 -9.92 33.45 -10.07
N LEU D 45 -8.64 33.77 -10.19
CA LEU D 45 -7.71 33.69 -9.06
C LEU D 45 -7.09 35.06 -8.83
N LEU D 46 -7.14 35.53 -7.59
CA LEU D 46 -6.49 36.78 -7.22
C LEU D 46 -5.26 36.45 -6.39
N MET D 47 -4.10 36.81 -6.93
CA MET D 47 -2.82 36.41 -6.34
C MET D 47 -2.00 37.61 -5.90
N THR D 48 -1.38 37.51 -4.73
CA THR D 48 -0.42 38.51 -4.29
C THR D 48 0.89 38.32 -5.05
N ARG D 49 1.56 39.43 -5.38
CA ARG D 49 2.83 39.36 -6.07
C ARG D 49 4.00 39.46 -5.08
N ASP D 50 3.68 39.75 -3.82
CA ASP D 50 4.70 39.85 -2.77
C ASP D 50 5.48 38.54 -2.62
N PRO D 51 6.81 38.59 -2.83
CA PRO D 51 7.65 37.38 -2.87
C PRO D 51 7.60 36.57 -1.59
N HIS D 52 7.34 37.21 -0.46
CA HIS D 52 7.23 36.48 0.79
C HIS D 52 5.83 35.90 0.96
N LEU D 53 4.83 36.79 0.86
CA LEU D 53 3.45 36.43 1.14
C LEU D 53 2.90 35.34 0.20
N THR D 54 3.44 35.27 -1.01
CA THR D 54 2.94 34.28 -1.97
C THR D 54 3.11 32.85 -1.46
N HIS D 55 4.11 32.64 -0.61
CA HIS D 55 4.42 31.32 -0.09
C HIS D 55 3.94 31.08 1.33
N VAL D 56 3.20 32.03 1.89
CA VAL D 56 2.56 31.82 3.17
C VAL D 56 1.28 31.02 2.96
N HIS D 57 1.04 30.03 3.82
CA HIS D 57 -0.15 29.21 3.73
C HIS D 57 -1.41 30.07 3.96
N PRO D 58 -2.49 29.78 3.22
CA PRO D 58 -3.71 30.59 3.28
C PRO D 58 -4.29 30.71 4.69
N LEU D 59 -4.25 29.63 5.46
CA LEU D 59 -4.78 29.67 6.82
C LEU D 59 -3.96 30.62 7.68
N GLU D 60 -2.64 30.64 7.46
CA GLU D 60 -1.76 31.57 8.14
C GLU D 60 -2.05 33.01 7.70
N ILE D 61 -2.32 33.17 6.41
CA ILE D 61 -2.73 34.47 5.90
C ILE D 61 -3.97 34.99 6.64
N MET D 62 -5.01 34.17 6.66
CA MET D 62 -6.26 34.49 7.35
C MET D 62 -6.06 34.81 8.82
N MET D 63 -5.16 34.07 9.46
CA MET D 63 -4.95 34.22 10.90
C MET D 63 -4.15 35.44 11.26
N LYS D 64 -3.08 35.69 10.52
CA LYS D 64 -2.05 36.62 10.97
C LYS D 64 -1.64 37.66 9.94
N HIS D 65 -2.36 37.76 8.85
CA HIS D 65 -2.06 38.77 7.83
C HIS D 65 -3.33 39.51 7.45
N ARG D 66 -3.95 40.15 8.44
CA ARG D 66 -5.24 40.81 8.25
C ARG D 66 -5.15 41.98 7.27
N SER D 67 -3.98 42.62 7.19
CA SER D 67 -3.80 43.73 6.26
C SER D 67 -3.88 43.23 4.82
N LEU D 68 -3.25 42.10 4.54
CA LEU D 68 -3.35 41.52 3.20
C LEU D 68 -4.79 41.09 2.89
N VAL D 69 -5.45 40.45 3.84
CA VAL D 69 -6.83 40.05 3.67
C VAL D 69 -7.70 41.28 3.32
N GLU D 70 -7.57 42.34 4.10
CA GLU D 70 -8.36 43.55 3.87
C GLU D 70 -8.05 44.16 2.51
N LYS D 71 -6.79 44.11 2.11
CA LYS D 71 -6.37 44.63 0.81
C LYS D 71 -6.97 43.83 -0.35
N LEU D 72 -7.01 42.51 -0.20
CA LEU D 72 -7.61 41.66 -1.23
C LEU D 72 -9.10 41.93 -1.35
N VAL D 73 -9.77 42.03 -0.21
CA VAL D 73 -11.20 42.28 -0.18
C VAL D 73 -11.50 43.64 -0.81
N SER D 74 -10.64 44.61 -0.53
CA SER D 74 -10.81 45.95 -1.12
C SER D 74 -10.69 45.93 -2.64
N TYR D 75 -9.75 45.16 -3.17
CA TYR D 75 -9.64 44.99 -4.62
C TYR D 75 -10.93 44.43 -5.19
N VAL D 76 -11.40 43.34 -4.59
CA VAL D 76 -12.60 42.63 -5.05
C VAL D 76 -13.85 43.52 -5.03
N GLN D 77 -14.05 44.23 -3.93
CA GLN D 77 -15.25 45.05 -3.78
C GLN D 77 -15.08 46.45 -4.39
N GLY D 78 -13.87 46.78 -4.80
CA GLY D 78 -13.58 48.12 -5.31
C GLY D 78 -13.09 48.17 -6.75
N ASP D 79 -11.79 48.39 -6.92
CA ASP D 79 -11.23 48.60 -8.25
C ASP D 79 -11.42 47.44 -9.23
N LEU D 80 -11.64 46.23 -8.72
CA LEU D 80 -11.88 45.09 -9.61
C LEU D 80 -13.34 44.69 -9.75
N SER D 81 -14.24 45.37 -9.04
CA SER D 81 -15.64 44.94 -8.99
C SER D 81 -16.33 44.99 -10.35
N GLY D 82 -16.19 46.11 -11.05
CA GLY D 82 -16.76 46.23 -12.38
C GLY D 82 -16.22 45.15 -13.30
N LEU D 83 -14.91 44.94 -13.26
CA LEU D 83 -14.25 43.92 -14.08
C LEU D 83 -14.82 42.51 -13.80
N ILE D 84 -15.00 42.17 -12.53
CA ILE D 84 -15.50 40.86 -12.18
C ILE D 84 -16.94 40.68 -12.63
N PHE D 85 -17.77 41.71 -12.46
CA PHE D 85 -19.16 41.64 -12.90
C PHE D 85 -19.26 41.46 -14.41
N ASP D 86 -18.35 42.04 -15.16
CA ASP D 86 -18.37 41.86 -16.61
C ASP D 86 -17.99 40.43 -16.98
N GLU D 87 -16.95 39.92 -16.33
CA GLU D 87 -16.55 38.53 -16.52
C GLU D 87 -17.74 37.62 -16.20
N ALA D 88 -18.41 37.88 -15.08
CA ALA D 88 -19.58 37.10 -14.70
C ALA D 88 -20.68 37.17 -15.76
N ARG D 89 -21.01 38.38 -16.20
CA ARG D 89 -22.03 38.54 -17.24
C ARG D 89 -21.65 37.79 -18.52
N ASN D 90 -20.37 37.86 -18.90
CA ASN D 90 -19.89 37.13 -20.08
C ASN D 90 -19.95 35.61 -19.93
N CYS D 91 -19.73 35.12 -18.71
CA CYS D 91 -19.68 33.68 -18.48
C CYS D 91 -21.07 33.11 -18.21
N LEU D 92 -21.94 33.93 -17.63
CA LEU D 92 -23.31 33.52 -17.36
C LEU D 92 -24.30 34.12 -18.34
N SER D 93 -24.78 35.32 -18.05
CA SER D 93 -25.69 36.02 -18.95
C SER D 93 -25.60 37.54 -18.80
N GLN D 94 -25.68 38.25 -19.92
CA GLN D 94 -25.69 39.71 -19.92
C GLN D 94 -26.89 40.28 -19.15
N GLN D 95 -27.92 39.46 -18.97
CA GLN D 95 -29.16 39.90 -18.36
C GLN D 95 -29.12 39.93 -16.83
N LEU D 96 -27.99 39.54 -16.25
CA LEU D 96 -27.86 39.50 -14.80
C LEU D 96 -27.30 40.81 -14.24
N THR D 97 -28.01 41.38 -13.27
CA THR D 97 -27.61 42.64 -12.66
C THR D 97 -26.46 42.40 -11.68
N ASN D 98 -25.77 43.47 -11.28
CA ASN D 98 -24.73 43.38 -10.27
C ASN D 98 -25.26 42.77 -8.99
N GLU D 99 -26.48 43.15 -8.64
CA GLU D 99 -27.11 42.68 -7.41
C GLU D 99 -27.28 41.16 -7.41
N ALA D 100 -27.89 40.65 -8.48
CA ALA D 100 -28.06 39.21 -8.63
C ALA D 100 -26.72 38.48 -8.60
N LEU D 101 -25.74 39.03 -9.30
CA LEU D 101 -24.42 38.40 -9.42
C LEU D 101 -23.66 38.36 -8.10
N ALA D 102 -23.73 39.44 -7.33
CA ALA D 102 -23.01 39.51 -6.07
C ALA D 102 -23.47 38.40 -5.11
N ASN D 103 -24.76 38.05 -5.20
CA ASN D 103 -25.31 36.96 -4.41
C ASN D 103 -25.06 35.59 -5.02
N TYR D 104 -24.33 35.55 -6.14
CA TYR D 104 -24.05 34.29 -6.82
C TYR D 104 -22.55 34.13 -6.98
N ILE D 105 -21.79 34.84 -6.16
CA ILE D 105 -20.34 34.78 -6.24
C ILE D 105 -19.75 34.46 -4.88
N LYS D 106 -18.72 33.63 -4.86
CA LYS D 106 -18.04 33.31 -3.61
C LYS D 106 -16.55 33.53 -3.75
N VAL D 107 -15.94 33.90 -2.63
CA VAL D 107 -14.54 34.27 -2.59
C VAL D 107 -13.90 33.59 -1.38
N GLY D 108 -12.83 32.85 -1.61
CA GLY D 108 -12.18 32.17 -0.51
C GLY D 108 -10.94 31.40 -0.90
N PHE D 109 -10.23 30.88 0.09
CA PHE D 109 -9.05 30.04 -0.10
C PHE D 109 -9.39 28.56 0.07
N HIS D 110 -8.65 27.69 -0.61
CA HIS D 110 -8.65 26.28 -0.25
C HIS D 110 -7.83 26.10 1.01
N ALA D 111 -8.33 25.31 1.96
CA ALA D 111 -7.62 25.07 3.20
C ALA D 111 -6.34 24.26 2.97
N GLY D 112 -6.31 23.51 1.87
CA GLY D 112 -5.15 22.73 1.51
C GLY D 112 -4.70 22.81 0.06
N PRO D 113 -4.28 24.03 -0.36
CA PRO D 113 -3.96 24.30 -1.77
C PRO D 113 -3.00 23.31 -2.40
N SER D 114 -3.14 23.07 -3.70
CA SER D 114 -2.18 22.27 -4.43
C SER D 114 -1.07 23.14 -4.99
N MET D 115 -1.43 24.32 -5.48
CA MET D 115 -0.45 25.26 -6.01
C MET D 115 0.17 26.10 -4.88
N ASN D 116 1.47 26.31 -4.94
CA ASN D 116 2.20 26.95 -3.84
C ASN D 116 2.08 28.48 -3.75
N ASN D 117 1.70 29.11 -4.86
CA ASN D 117 1.55 30.57 -4.86
C ASN D 117 0.15 30.98 -4.44
N LEU D 118 0.07 31.66 -3.30
CA LEU D 118 -1.19 32.12 -2.71
C LEU D 118 -2.15 32.67 -3.75
N HIS D 119 -3.33 32.06 -3.83
CA HIS D 119 -4.35 32.46 -4.79
C HIS D 119 -5.72 32.40 -4.16
N LEU D 120 -6.45 33.51 -4.25
CA LEU D 120 -7.80 33.60 -3.74
C LEU D 120 -8.78 33.28 -4.86
N HIS D 121 -9.60 32.27 -4.70
CA HIS D 121 -10.67 31.95 -5.65
C HIS D 121 -11.82 32.95 -5.65
N ILE D 122 -12.21 33.40 -6.82
CA ILE D 122 -13.39 34.24 -7.01
C ILE D 122 -14.20 33.59 -8.10
N MET D 123 -15.38 33.08 -7.76
CA MET D 123 -16.10 32.20 -8.69
C MET D 123 -17.61 32.26 -8.46
N THR D 124 -18.38 31.90 -9.49
CA THR D 124 -19.82 31.82 -9.35
C THR D 124 -20.23 30.52 -8.63
N LEU D 125 -21.48 30.44 -8.18
CA LEU D 125 -21.91 29.33 -7.34
C LEU D 125 -22.32 28.07 -8.11
N ASP D 126 -22.51 28.19 -9.41
CA ASP D 126 -23.14 27.14 -10.22
C ASP D 126 -22.41 25.79 -10.21
N HIS D 127 -21.08 25.84 -10.23
CA HIS D 127 -20.29 24.62 -10.46
C HIS D 127 -20.75 23.86 -11.69
N VAL D 128 -21.18 24.61 -12.71
CA VAL D 128 -21.44 24.03 -14.03
C VAL D 128 -20.24 24.30 -14.95
N SER D 129 -19.43 23.29 -15.16
CA SER D 129 -18.22 23.46 -15.99
C SER D 129 -17.62 22.12 -16.41
N PRO D 130 -17.17 22.04 -17.67
CA PRO D 130 -16.52 20.83 -18.15
C PRO D 130 -15.30 20.45 -17.31
N SER D 131 -14.67 21.43 -16.68
CA SER D 131 -13.46 21.17 -15.90
C SER D 131 -13.79 20.57 -14.54
N LEU D 132 -15.05 20.64 -14.13
CA LEU D 132 -15.48 19.98 -12.90
C LEU D 132 -15.65 18.49 -13.20
N LYS D 133 -14.67 17.68 -12.82
CA LYS D 133 -14.60 16.31 -13.32
C LYS D 133 -14.71 15.23 -12.25
N ASN D 134 -14.63 15.61 -10.98
CA ASN D 134 -14.71 14.61 -9.93
C ASN D 134 -15.27 15.16 -8.62
N SER D 135 -15.62 14.24 -7.72
CA SER D 135 -16.24 14.61 -6.45
C SER D 135 -15.36 15.54 -5.63
N ALA D 136 -14.06 15.29 -5.62
CA ALA D 136 -13.13 16.10 -4.84
C ALA D 136 -13.15 17.57 -5.30
N HIS D 137 -13.26 17.80 -6.61
CA HIS D 137 -13.39 19.15 -7.13
C HIS D 137 -14.56 19.86 -6.46
N TYR D 138 -15.73 19.23 -6.55
CA TYR D 138 -16.96 19.82 -6.04
C TYR D 138 -16.92 20.07 -4.54
N ILE D 139 -16.49 19.05 -3.80
CA ILE D 139 -16.44 19.13 -2.34
C ILE D 139 -15.47 20.20 -1.85
N SER D 140 -14.36 20.38 -2.56
CA SER D 140 -13.34 21.35 -2.16
C SER D 140 -13.85 22.79 -2.19
N PHE D 141 -14.92 23.03 -2.95
CA PHE D 141 -15.46 24.38 -3.09
C PHE D 141 -16.78 24.60 -2.35
N THR D 142 -17.34 23.52 -1.81
CA THR D 142 -18.67 23.57 -1.21
C THR D 142 -18.71 23.08 0.24
N SER D 143 -17.54 22.99 0.86
CA SER D 143 -17.45 22.49 2.22
C SER D 143 -16.53 23.42 3.01
N PRO D 144 -16.35 23.16 4.31
CA PRO D 144 -15.43 23.96 5.11
C PRO D 144 -14.01 23.99 4.53
N PHE D 145 -13.71 23.10 3.59
CA PHE D 145 -12.40 23.13 2.92
C PHE D 145 -12.24 24.44 2.14
N PHE D 146 -13.36 24.98 1.67
CA PHE D 146 -13.33 26.30 1.04
C PHE D 146 -13.47 27.34 2.13
N VAL D 147 -12.39 28.08 2.39
CA VAL D 147 -12.39 29.04 3.48
C VAL D 147 -12.76 30.43 2.96
N LYS D 148 -14.02 30.80 3.14
CA LYS D 148 -14.51 32.09 2.67
C LYS D 148 -13.69 33.22 3.28
N ILE D 149 -13.47 34.27 2.50
CA ILE D 149 -12.55 35.35 2.89
C ILE D 149 -13.04 36.12 4.13
N ASP D 150 -14.33 36.06 4.41
CA ASP D 150 -14.88 36.73 5.59
C ASP D 150 -15.13 35.79 6.76
N THR D 151 -14.49 34.63 6.75
CA THR D 151 -14.56 33.72 7.88
C THR D 151 -13.87 34.35 9.09
N PRO D 152 -14.58 34.45 10.23
CA PRO D 152 -13.88 34.95 11.41
C PRO D 152 -12.72 34.03 11.79
N THR D 153 -11.61 34.61 12.24
CA THR D 153 -10.41 33.86 12.57
C THR D 153 -10.68 32.67 13.50
N SER D 154 -11.49 32.89 14.53
CA SER D 154 -11.77 31.85 15.51
C SER D 154 -12.53 30.68 14.90
N ASN D 155 -13.02 30.85 13.67
CA ASN D 155 -13.81 29.80 13.03
C ASN D 155 -13.09 29.13 11.85
N LEU D 156 -11.81 29.43 11.69
CA LEU D 156 -11.00 28.80 10.66
C LEU D 156 -10.76 27.33 10.99
N PRO D 157 -10.71 26.48 9.96
CA PRO D 157 -10.36 25.07 10.16
C PRO D 157 -8.87 24.97 10.48
N THR D 158 -8.47 23.91 11.16
CA THR D 158 -7.06 23.70 11.47
C THR D 158 -6.36 23.09 10.26
N ARG D 159 -5.16 23.59 9.97
CA ARG D 159 -4.38 23.09 8.82
C ARG D 159 -4.26 21.58 8.86
N GLY D 160 -4.54 20.94 7.73
CA GLY D 160 -4.32 19.51 7.54
C GLY D 160 -5.32 18.55 8.17
N THR D 161 -6.49 19.04 8.55
CA THR D 161 -7.45 18.19 9.27
C THR D 161 -8.72 17.86 8.50
N LEU D 162 -8.81 18.31 7.25
CA LEU D 162 -10.06 18.18 6.50
C LEU D 162 -10.06 17.02 5.51
N THR D 163 -9.04 16.19 5.58
CA THR D 163 -8.88 15.09 4.64
C THR D 163 -10.14 14.24 4.47
N SER D 164 -10.86 14.03 5.57
CA SER D 164 -12.00 13.11 5.57
C SER D 164 -13.21 13.61 4.77
N LEU D 165 -13.33 14.92 4.64
CA LEU D 165 -14.45 15.53 3.92
C LEU D 165 -14.64 14.94 2.53
N PHE D 166 -13.56 14.52 1.92
CA PHE D 166 -13.59 14.14 0.52
C PHE D 166 -14.20 12.77 0.26
N GLN D 167 -14.49 12.03 1.32
CA GLN D 167 -15.06 10.69 1.20
C GLN D 167 -16.56 10.71 1.44
N GLU D 168 -17.07 11.86 1.88
CA GLU D 168 -18.49 11.98 2.20
C GLU D 168 -19.39 11.97 0.96
N ASP D 169 -20.68 11.73 1.19
CA ASP D 169 -21.67 11.73 0.13
C ASP D 169 -21.83 13.12 -0.48
N LEU D 170 -22.25 13.16 -1.74
CA LEU D 170 -22.41 14.42 -2.47
C LEU D 170 -23.75 15.05 -2.16
N LYS D 171 -23.76 16.37 -2.08
CA LYS D 171 -24.94 17.12 -1.69
C LYS D 171 -25.01 18.42 -2.49
N CYS D 172 -26.15 18.68 -3.10
CA CYS D 172 -26.33 19.92 -3.87
C CYS D 172 -26.24 21.14 -2.95
N TRP D 173 -25.36 22.08 -3.31
CA TRP D 173 -25.16 23.28 -2.51
C TRP D 173 -26.43 24.13 -2.44
N ARG D 174 -27.28 24.03 -3.46
CA ARG D 174 -28.44 24.92 -3.55
C ARG D 174 -29.71 24.39 -2.87
N CYS D 175 -30.04 23.11 -3.10
CA CYS D 175 -31.31 22.58 -2.61
C CYS D 175 -31.16 21.48 -1.57
N GLY D 176 -29.96 20.95 -1.40
CA GLY D 176 -29.71 19.97 -0.35
C GLY D 176 -29.82 18.51 -0.76
N GLU D 177 -30.42 18.24 -1.92
CA GLU D 177 -30.57 16.87 -2.41
C GLU D 177 -29.23 16.13 -2.40
N THR D 178 -29.26 14.86 -2.01
CA THR D 178 -28.03 14.05 -1.94
C THR D 178 -27.91 13.11 -3.13
N PHE D 179 -26.67 12.71 -3.43
CA PHE D 179 -26.39 11.93 -4.63
C PHE D 179 -25.41 10.79 -4.39
N GLY D 180 -25.21 10.44 -3.11
CA GLY D 180 -24.24 9.42 -2.77
C GLY D 180 -22.87 9.79 -3.31
N ARG D 181 -22.27 8.87 -4.06
CA ARG D 181 -21.02 9.16 -4.73
C ARG D 181 -21.24 9.21 -6.23
N HIS D 182 -22.49 9.41 -6.63
CA HIS D 182 -22.86 9.51 -8.04
C HIS D 182 -22.60 10.90 -8.59
N PHE D 183 -21.32 11.19 -8.86
CA PHE D 183 -20.90 12.50 -9.35
C PHE D 183 -21.61 12.90 -10.65
N THR D 184 -21.70 11.97 -11.58
CA THR D 184 -22.31 12.25 -12.87
C THR D 184 -23.76 12.72 -12.72
N LYS D 185 -24.46 12.16 -11.74
CA LYS D 185 -25.84 12.58 -11.49
C LYS D 185 -25.91 13.96 -10.85
N LEU D 186 -24.99 14.23 -9.92
CA LEU D 186 -24.85 15.57 -9.37
C LEU D 186 -24.63 16.56 -10.50
N LYS D 187 -23.69 16.24 -11.38
CA LYS D 187 -23.36 17.11 -12.51
C LYS D 187 -24.59 17.52 -13.30
N ALA D 188 -25.42 16.55 -13.67
CA ALA D 188 -26.62 16.85 -14.44
C ALA D 188 -27.59 17.68 -13.62
N HIS D 189 -27.64 17.42 -12.33
CA HIS D 189 -28.52 18.18 -11.44
C HIS D 189 -28.03 19.62 -11.29
N LEU D 190 -26.72 19.81 -11.23
CA LEU D 190 -26.15 21.16 -11.16
C LEU D 190 -26.58 21.97 -12.37
N GLN D 191 -26.62 21.32 -13.53
CA GLN D 191 -27.03 21.98 -14.76
C GLN D 191 -28.47 22.50 -14.63
N GLU D 192 -29.36 21.62 -14.16
CA GLU D 192 -30.76 22.01 -13.93
C GLU D 192 -30.87 23.17 -12.96
N GLU D 193 -30.10 23.11 -11.88
CA GLU D 193 -30.14 24.13 -10.84
C GLU D 193 -29.76 25.48 -11.41
N TYR D 194 -28.73 25.49 -12.27
CA TYR D 194 -28.32 26.72 -12.91
C TYR D 194 -29.41 27.26 -13.82
N ASP D 195 -29.92 26.41 -14.71
CA ASP D 195 -31.02 26.80 -15.57
C ASP D 195 -32.16 27.38 -14.75
N ASP D 196 -32.48 26.74 -13.64
CA ASP D 196 -33.53 27.21 -12.74
C ASP D 196 -33.21 28.59 -12.17
N TRP D 197 -31.99 28.73 -11.65
CA TRP D 197 -31.57 29.99 -11.04
C TRP D 197 -31.55 31.11 -12.06
N LEU D 198 -31.05 30.82 -13.25
CA LEU D 198 -30.96 31.82 -14.31
C LEU D 198 -32.34 32.32 -14.69
N ASP D 199 -33.28 31.39 -14.85
CA ASP D 199 -34.64 31.74 -15.23
C ASP D 199 -35.28 32.61 -14.17
N LYS D 200 -35.10 32.24 -12.92
CA LYS D 200 -35.65 32.99 -11.78
C LYS D 200 -35.04 34.37 -11.68
N SER D 201 -33.76 34.47 -12.02
CA SER D 201 -33.01 35.71 -11.85
C SER D 201 -33.36 36.77 -12.89
N VAL D 202 -33.31 36.38 -14.17
CA VAL D 202 -33.68 37.32 -15.23
C VAL D 202 -35.17 37.65 -15.17
N SER D 203 -35.98 36.70 -14.75
CA SER D 203 -37.42 36.90 -14.61
C SER D 203 -37.76 37.85 -13.47
N MET D 204 -36.78 38.13 -12.62
CA MET D 204 -36.97 38.99 -11.46
C MET D 204 -37.92 40.15 -11.77
ZN ZN I . 10.35 20.53 -1.44
P AMP J . 10.30 19.52 23.37
O1P AMP J . 10.32 19.10 24.83
O2P AMP J . 10.16 18.36 22.41
O3P AMP J . 9.45 20.73 23.02
O5' AMP J . 11.79 20.09 23.14
C5' AMP J . 12.90 19.40 23.70
C4' AMP J . 14.17 19.95 23.06
O4' AMP J . 15.28 19.90 23.95
C3' AMP J . 14.54 19.10 21.85
O3' AMP J . 14.64 19.97 20.73
C2' AMP J . 15.88 18.47 22.20
O2' AMP J . 16.71 18.41 21.03
C1' AMP J . 16.43 19.41 23.26
N9 AMP J . 17.32 18.80 24.27
C8 AMP J . 17.21 17.58 24.83
N7 AMP J . 18.19 17.39 25.74
C5 AMP J . 18.95 18.50 25.78
C6 AMP J . 20.14 18.97 26.52
N6 AMP J . 20.75 18.18 27.44
N1 AMP J . 20.61 20.21 26.25
C2 AMP J . 20.01 21.01 25.34
N3 AMP J . 18.93 20.65 24.64
C4 AMP J . 18.36 19.43 24.81
S SO4 K . 2.33 36.38 33.30
O1 SO4 K . 2.38 35.08 33.95
O2 SO4 K . 1.16 37.11 33.76
O3 SO4 K . 3.55 37.11 33.62
O4 SO4 K . 2.23 36.20 31.85
S SO4 L . 29.89 31.51 4.04
O1 SO4 L . 30.47 30.17 4.04
O2 SO4 L . 28.47 31.41 3.85
O3 SO4 L . 30.16 32.15 5.33
O4 SO4 L . 30.46 32.30 2.94
S SO4 M . 0.91 16.88 27.16
O1 SO4 M . 1.68 15.64 27.17
O2 SO4 M . 0.46 17.20 28.51
O3 SO4 M . 1.77 17.95 26.65
O4 SO4 M . -0.26 16.73 26.29
S SO4 N . 10.99 30.70 -0.66
O1 SO4 N . 10.89 29.53 0.21
O2 SO4 N . 9.73 31.44 -0.62
O3 SO4 N . 12.07 31.57 -0.21
O4 SO4 N . 11.25 30.28 -2.04
ZN ZN O . 11.55 -25.11 25.11
P AMP P . 10.52 -24.13 0.30
O1P AMP P . 10.50 -23.70 -1.15
O2P AMP P . 10.32 -22.98 1.27
O3P AMP P . 9.75 -25.38 0.67
O5' AMP P . 12.03 -24.64 0.51
C5' AMP P . 13.12 -23.94 -0.10
C4' AMP P . 14.42 -24.45 0.50
O4' AMP P . 15.50 -24.37 -0.43
C3' AMP P . 14.80 -23.59 1.69
O3' AMP P . 14.99 -24.45 2.82
C2' AMP P . 16.11 -22.91 1.30
O2' AMP P . 16.99 -22.81 2.42
C1' AMP P . 16.65 -23.83 0.22
N9 AMP P . 17.48 -23.19 -0.81
C8 AMP P . 17.34 -21.97 -1.36
N7 AMP P . 18.29 -21.75 -2.31
C5 AMP P . 19.06 -22.85 -2.38
C6 AMP P . 20.23 -23.31 -3.16
N6 AMP P . 20.79 -22.50 -4.09
N1 AMP P . 20.71 -24.54 -2.92
C2 AMP P . 20.17 -25.36 -2.01
N3 AMP P . 19.10 -25.01 -1.26
C4 AMP P . 18.52 -23.81 -1.40
S SO4 Q . 2.68 -41.14 -9.26
O1 SO4 Q . 3.90 -41.89 -9.60
O2 SO4 Q . 1.50 -41.93 -9.59
O3 SO4 Q . 2.67 -40.87 -7.82
O4 SO4 Q . 2.65 -39.90 -10.01
S SO4 R . 31.16 -35.55 18.95
O1 SO4 R . 31.36 -36.70 19.81
O2 SO4 R . 30.08 -34.74 19.50
O3 SO4 R . 32.38 -34.75 18.89
O4 SO4 R . 30.81 -35.96 17.59
S SO4 S . 0.89 -21.70 -3.08
O1 SO4 S . 1.99 -22.60 -2.72
O2 SO4 S . -0.06 -21.60 -1.98
O3 SO4 S . 1.44 -20.38 -3.39
O4 SO4 S . 0.21 -22.22 -4.26
S SO4 T . 12.42 -35.21 24.20
O1 SO4 T . 12.82 -36.61 24.08
O2 SO4 T . 10.98 -35.12 24.39
O3 SO4 T . 13.10 -34.63 25.36
O4 SO4 T . 12.78 -34.49 22.98
ZN ZN U . 5.24 -17.13 -14.52
P AMP V . -19.16 -21.51 -14.34
O1P AMP V . -20.68 -21.44 -14.25
O2P AMP V . -18.49 -20.23 -13.92
O3P AMP V . -18.49 -22.74 -13.80
O5' AMP V . -18.89 -21.66 -15.91
C5' AMP V . -19.68 -20.94 -16.87
C4' AMP V . -18.97 -21.02 -18.22
O4' AMP V . -19.88 -20.94 -19.31
C3' AMP V . -17.99 -19.86 -18.36
O3' AMP V . -16.70 -20.42 -18.61
C2' AMP V . -18.50 -19.06 -19.55
O2' AMP V . -17.41 -18.59 -20.34
C1' AMP V . -19.33 -20.07 -20.31
N9 AMP V . -20.49 -19.51 -21.06
C8 AMP V . -21.26 -18.46 -20.70
N7 AMP V . -22.23 -18.28 -21.63
C5 AMP V . -22.09 -19.23 -22.59
C6 AMP V . -22.78 -19.61 -23.84
N6 AMP V . -23.85 -18.92 -24.28
N1 AMP V . -22.29 -20.67 -24.52
C2 AMP V . -21.23 -21.37 -24.09
N3 AMP V . -20.56 -21.08 -22.98
C4 AMP V . -20.93 -20.04 -22.19
S SO4 W . -24.99 -41.29 -10.19
O1 SO4 W . -25.16 -42.44 -9.31
O2 SO4 W . -25.98 -40.27 -9.87
O3 SO4 W . -23.65 -40.75 -9.99
O4 SO4 W . -25.16 -41.69 -11.59
S SO4 X . 1.47 -24.75 -35.85
O1 SO4 X . 0.24 -25.53 -35.81
O2 SO4 X . 1.89 -24.39 -34.50
O3 SO4 X . 2.55 -25.51 -36.49
O4 SO4 X . 1.23 -23.52 -36.61
S SO4 Y . -22.93 -21.74 -4.53
O1 SO4 Y . -22.12 -22.94 -4.52
O2 SO4 Y . -24.31 -22.08 -4.17
O3 SO4 Y . -22.38 -20.78 -3.57
O4 SO4 Y . -22.90 -21.16 -5.87
S SO4 Z . 6.55 -26.83 -17.34
O1 SO4 Z . 6.50 -28.29 -17.35
O2 SO4 Z . 5.22 -26.28 -17.09
O3 SO4 Z . 7.46 -26.38 -16.28
O4 SO4 Z . 7.06 -26.37 -18.62
ZN ZN AA . -30.29 21.04 -5.98
P AMP BA . -5.80 25.15 -5.14
O1P AMP BA . -4.28 25.09 -5.18
O2P AMP BA . -6.45 23.79 -5.19
O3P AMP BA . -6.41 26.10 -4.14
O5' AMP BA . -6.18 25.88 -6.53
C5' AMP BA . -5.47 25.57 -7.73
C4' AMP BA . -6.23 26.19 -8.89
O4' AMP BA . -5.36 26.54 -9.97
C3' AMP BA . -7.23 25.18 -9.45
O3' AMP BA . -8.52 25.80 -9.41
C2' AMP BA . -6.78 24.92 -10.88
O2' AMP BA . -7.90 24.78 -11.76
C1' AMP BA . -5.95 26.15 -11.20
N9 AMP BA . -4.82 25.95 -12.14
C8 AMP BA . -4.03 24.86 -12.25
N7 AMP BA . -3.09 25.06 -13.21
C5 AMP BA . -3.26 26.29 -13.71
C6 AMP BA . -2.62 27.15 -14.74
N6 AMP BA . -1.56 26.70 -15.46
N1 AMP BA . -3.14 28.38 -14.95
C2 AMP BA . -4.19 28.84 -14.26
N3 AMP BA . -4.82 28.13 -13.31
C4 AMP BA . -4.42 26.87 -13.01
S SO4 CA . 0.49 41.93 6.18
O1 SO4 CA . 1.16 40.74 5.71
O2 SO4 CA . -0.63 41.58 7.05
O3 SO4 CA . 1.44 42.76 6.92
O4 SO4 CA . -0.02 42.70 5.04
S SO4 DA . -27.18 36.20 -22.91
O1 SO4 DA . -26.68 34.85 -22.65
O2 SO4 DA . -28.38 36.45 -22.11
O3 SO4 DA . -26.14 37.16 -22.55
O4 SO4 DA . -27.52 36.32 -24.32
S SO4 EA . -1.55 21.55 3.82
O1 SO4 EA . -1.26 20.14 3.59
O2 SO4 EA . -2.70 21.65 4.71
O3 SO4 EA . -0.39 22.19 4.45
O4 SO4 EA . -1.85 22.21 2.55
S SO4 FA . -31.63 31.00 -4.68
O1 SO4 FA . -30.84 29.79 -4.47
O2 SO4 FA . -33.05 30.66 -4.81
O3 SO4 FA . -31.45 31.90 -3.55
O4 SO4 FA . -31.19 31.66 -5.91
#